data_4DGW
#
_entry.id   4DGW
#
_cell.length_a   100.781
_cell.length_b   127.259
_cell.length_c   169.173
_cell.angle_alpha   90.00
_cell.angle_beta   90.00
_cell.angle_gamma   90.00
#
_symmetry.space_group_name_H-M   'I 21 21 21'
#
loop_
_entity.id
_entity.type
_entity.pdbx_description
1 polymer 'Pre-mRNA-splicing factor PRP9'
2 polymer 'Pre-mRNA-splicing factor PRP21'
3 polymer 'Pre-mRNA-splicing factor PRP11'
4 non-polymer 'ZINC ION'
5 water water
#
loop_
_entity_poly.entity_id
_entity_poly.type
_entity_poly.pdbx_seq_one_letter_code
_entity_poly.pdbx_strand_id
1 'polypeptide(L)'
;GSPGISGGGGILE(MSE)NLLETRRSLLEE(MSE)EIIENAIAERIQRNPELYYHYIQESSKVFPDTKLPRSSLIAENKI
YKFKKVKRKRKQIILQQHEINIFLRDYQEKQQTFNKINRPEETQEDDKDLPNFERKLQQLEKELKNEDENFELDINSKKD
KYALFSSSSDPSRRTNILSDRARDLDLNEIFTRDEQYGEY(MSE)ELEQFHSLWLNVIKRGDCSLLQFLDILELFLDDEK
YLLTPP(MSE)DRKNDRY(MSE)AFLLKLSKYVETFFFKSYALLDAAAVENLIKSDFEHSYCRGSLRSEAKGIYCPFCSR
WFKTSSVFESHLVGKIHKKNESKRRNFVYSEYKLHRYLKYLNDEFSRTRSFVERKLAFTANER(MSE)AE(MSE)DILTQ
KYEAPAYDSTEKEGAEQVDGEQRDGQLQEE
;
A
2 'polypeptide(L)'
;(MSE)GISRRD(MSE)EVIKLTARYYAKDKSIVEQ(MSE)ISKDGEARLNF(MSE)NSSHPLHKTFTDFVAQYKRVYSFT
GQEIKKSKRTILDNCFERTQYWEFEKDKDREHDKLVELCKIQFAAIPWDKFTQVAKFSIPEDTEIFEGSLDLEQ(MSE)R
LRRVQTGIKLFD
;
B
3 'polypeptide(L)'
;(UNK)(UNK)(UNK)(UNK)(UNK)(UNK)(UNK)(UNK)(UNK)(UNK)(UNK)(UNK)(UNK)(UNK)(UNK)(UNK)
(UNK)(UNK)(UNK)(UNK)(UNK)(UNK)(UNK)(UNK)(UNK)(UNK)(UNK)(UNK)(UNK)(UNK)(UNK)(UNK)
(UNK)(UNK)(UNK)(UNK)(UNK)(UNK)(UNK)(UNK)(UNK)(UNK)(UNK)(UNK)(UNK)(UNK)(UNK)(UNK)
(UNK)(UNK)(UNK)(UNK)(UNK)(UNK)(UNK)(UNK)(UNK)(UNK)(UNK)(UNK)(UNK)(UNK)(UNK)(UNK)
(UNK)(UNK)(UNK)(UNK)(UNK)(UNK)(UNK)(UNK)(UNK)(UNK)(UNK)(UNK)(UNK)(UNK)(UNK)(UNK)
(UNK)(UNK)(UNK)(UNK)(UNK)(UNK)(UNK)(UNK)(UNK)(UNK)(UNK)(UNK)(UNK)(UNK)(UNK)(UNK)
(UNK)(UNK)(UNK)(UNK)(UNK)(UNK)(UNK)(UNK)(UNK)(UNK)(UNK)(UNK)(UNK)(UNK)(UNK)(UNK)
(UNK)GSVG(MSE)AIQVNYSSEVKENSVDSDDKAKVPPLIRIVSGLELSDTKQKGKKFLVIAYEPFENIAIELPPNEIL
FSENND(MSE)DNNNDGVDELNKKCTFWDAISKLYYVQFFFKQAEQEQADV
;
C
#
loop_
_chem_comp.id
_chem_comp.type
_chem_comp.name
_chem_comp.formula
ZN non-polymer 'ZINC ION' 'Zn 2'
#
# COMPACT_ATOMS: atom_id res chain seq x y z
N GLU A 13 -3.61 -8.08 -37.77
CA GLU A 13 -4.63 -7.31 -37.07
C GLU A 13 -4.11 -6.84 -35.71
N MSE A 14 -4.99 -6.78 -34.72
CA MSE A 14 -4.61 -6.31 -33.40
C MSE A 14 -3.60 -7.25 -32.74
O MSE A 14 -3.89 -8.43 -32.54
CB MSE A 14 -5.84 -6.14 -32.50
CG MSE A 14 -6.50 -7.45 -32.08
SE MSE A 14 -8.13 -7.19 -31.03
CE MSE A 14 -9.33 -6.65 -32.47
N ASN A 15 -2.43 -6.73 -32.41
CA ASN A 15 -1.40 -7.52 -31.76
C ASN A 15 -1.75 -7.78 -30.30
N LEU A 16 -2.08 -9.03 -29.98
CA LEU A 16 -2.47 -9.41 -28.62
C LEU A 16 -1.45 -8.96 -27.57
N LEU A 17 -0.18 -8.91 -27.95
CA LEU A 17 0.86 -8.48 -27.02
C LEU A 17 0.52 -7.14 -26.40
N GLU A 18 0.10 -6.20 -27.22
CA GLU A 18 -0.27 -4.86 -26.75
C GLU A 18 -1.45 -4.91 -25.78
N THR A 19 -2.48 -5.68 -26.13
CA THR A 19 -3.66 -5.81 -25.28
C THR A 19 -3.34 -6.41 -23.92
N ARG A 20 -2.67 -7.56 -23.92
CA ARG A 20 -2.26 -8.20 -22.68
C ARG A 20 -1.38 -7.28 -21.86
N ARG A 21 -0.50 -6.57 -22.53
CA ARG A 21 0.33 -5.57 -21.89
C ARG A 21 -0.53 -4.55 -21.15
N SER A 22 -1.39 -3.85 -21.89
CA SER A 22 -2.28 -2.85 -21.30
C SER A 22 -3.05 -3.42 -20.12
N LEU A 23 -3.44 -4.69 -20.22
CA LEU A 23 -4.15 -5.35 -19.13
C LEU A 23 -3.29 -5.46 -17.87
N LEU A 24 -2.12 -6.08 -17.99
CA LEU A 24 -1.21 -6.19 -16.85
C LEU A 24 -0.91 -4.82 -16.25
N GLU A 25 -0.80 -3.81 -17.11
CA GLU A 25 -0.52 -2.45 -16.69
C GLU A 25 -1.67 -1.88 -15.86
N GLU A 26 -2.90 -2.06 -16.33
CA GLU A 26 -4.07 -1.58 -15.61
C GLU A 26 -4.20 -2.28 -14.26
N MSE A 27 -4.03 -3.59 -14.26
CA MSE A 27 -4.04 -4.36 -13.02
C MSE A 27 -3.04 -3.77 -12.04
O MSE A 27 -3.36 -3.54 -10.86
CB MSE A 27 -3.73 -5.83 -13.29
CG MSE A 27 -4.89 -6.59 -13.91
SE MSE A 27 -4.55 -8.49 -14.23
CE MSE A 27 -3.28 -8.82 -12.80
N GLU A 28 -1.83 -3.49 -12.52
CA GLU A 28 -0.80 -2.85 -11.72
C GLU A 28 -1.30 -1.53 -11.15
N ILE A 29 -1.98 -0.75 -11.99
CA ILE A 29 -2.49 0.56 -11.60
C ILE A 29 -3.47 0.46 -10.44
N ILE A 30 -4.40 -0.48 -10.55
CA ILE A 30 -5.40 -0.71 -9.54
C ILE A 30 -4.78 -1.17 -8.22
N GLU A 31 -3.94 -2.21 -8.28
CA GLU A 31 -3.20 -2.65 -7.11
C GLU A 31 -2.53 -1.46 -6.42
N ASN A 32 -1.85 -0.63 -7.22
CA ASN A 32 -1.20 0.56 -6.69
C ASN A 32 -2.17 1.54 -6.02
N ALA A 33 -3.36 1.68 -6.58
CA ALA A 33 -4.36 2.58 -6.03
C ALA A 33 -4.85 2.10 -4.67
N ILE A 34 -5.35 0.86 -4.62
CA ILE A 34 -5.89 0.35 -3.36
C ILE A 34 -4.78 0.17 -2.32
N ALA A 35 -3.55 0.09 -2.80
CA ALA A 35 -2.38 0.05 -1.91
C ALA A 35 -2.07 1.43 -1.33
N GLU A 36 -2.17 2.46 -2.17
CA GLU A 36 -2.04 3.83 -1.68
C GLU A 36 -3.10 4.10 -0.60
N ARG A 37 -4.33 3.70 -0.89
CA ARG A 37 -5.40 3.80 0.08
C ARG A 37 -5.04 3.10 1.38
N ILE A 38 -4.79 1.80 1.30
CA ILE A 38 -4.40 1.06 2.49
C ILE A 38 -3.24 1.75 3.22
N GLN A 39 -2.48 2.57 2.49
CA GLN A 39 -1.36 3.28 3.08
C GLN A 39 -1.79 4.49 3.90
N ARG A 40 -2.61 5.37 3.30
CA ARG A 40 -3.00 6.59 4.00
C ARG A 40 -3.76 6.27 5.28
N ASN A 41 -4.64 5.27 5.23
CA ASN A 41 -5.39 4.86 6.41
C ASN A 41 -5.47 3.34 6.57
N PRO A 42 -4.44 2.76 7.22
CA PRO A 42 -4.31 1.32 7.48
C PRO A 42 -5.57 0.67 8.01
N GLU A 43 -6.40 1.44 8.72
CA GLU A 43 -7.65 0.92 9.23
C GLU A 43 -8.40 0.16 8.14
N LEU A 44 -8.44 0.74 6.94
CA LEU A 44 -9.12 0.13 5.79
C LEU A 44 -8.87 -1.36 5.71
N TYR A 45 -7.59 -1.75 5.80
CA TYR A 45 -7.25 -3.17 5.76
C TYR A 45 -7.53 -3.81 7.13
N TYR A 46 -6.98 -3.19 8.17
CA TYR A 46 -7.10 -3.71 9.52
C TYR A 46 -8.53 -4.10 9.83
N HIS A 47 -9.43 -3.12 9.84
CA HIS A 47 -10.85 -3.36 9.99
C HIS A 47 -11.24 -4.64 9.28
N TYR A 48 -11.13 -4.60 7.96
CA TYR A 48 -11.48 -5.73 7.12
C TYR A 48 -10.88 -7.01 7.69
N ILE A 49 -9.56 -7.02 7.81
CA ILE A 49 -8.85 -8.23 8.18
C ILE A 49 -9.43 -8.80 9.47
N GLN A 50 -9.66 -7.94 10.45
CA GLN A 50 -10.15 -8.40 11.75
C GLN A 50 -11.41 -9.25 11.57
N GLU A 51 -12.37 -8.72 10.82
CA GLU A 51 -13.60 -9.44 10.59
C GLU A 51 -13.28 -10.77 9.93
N SER A 52 -12.45 -10.71 8.89
CA SER A 52 -12.07 -11.91 8.15
C SER A 52 -11.56 -12.97 9.11
N SER A 53 -10.86 -12.51 10.15
CA SER A 53 -10.25 -13.40 11.12
C SER A 53 -11.27 -14.36 11.73
N LYS A 54 -12.46 -13.85 12.00
CA LYS A 54 -13.49 -14.64 12.67
C LYS A 54 -14.36 -15.43 11.70
N VAL A 55 -14.08 -15.32 10.41
CA VAL A 55 -14.81 -16.11 9.42
C VAL A 55 -13.93 -17.23 8.88
N PHE A 56 -12.70 -16.89 8.53
CA PHE A 56 -11.71 -17.89 8.13
C PHE A 56 -10.59 -17.90 9.16
N PRO A 57 -10.68 -18.80 10.14
CA PRO A 57 -9.83 -18.84 11.32
C PRO A 57 -8.33 -18.83 11.01
N ASP A 58 -7.95 -19.38 9.86
CA ASP A 58 -6.54 -19.49 9.51
C ASP A 58 -5.87 -18.13 9.34
N THR A 59 -6.63 -17.15 8.84
CA THR A 59 -6.06 -15.85 8.49
C THR A 59 -5.12 -15.28 9.54
N LYS A 60 -3.92 -14.90 9.10
CA LYS A 60 -2.96 -14.26 9.97
C LYS A 60 -3.24 -12.76 10.03
N LEU A 61 -3.28 -12.22 11.24
CA LEU A 61 -3.54 -10.80 11.42
C LEU A 61 -2.37 -10.07 12.08
N PRO A 62 -2.21 -8.77 11.76
CA PRO A 62 -1.07 -7.95 12.19
C PRO A 62 -0.93 -7.86 13.71
N ARG A 63 0.18 -7.30 14.16
CA ARG A 63 0.40 -7.05 15.59
C ARG A 63 -0.63 -6.06 16.10
N SER A 64 -1.21 -6.34 17.26
CA SER A 64 -2.23 -5.48 17.85
C SER A 64 -1.78 -4.02 17.92
N SER A 65 -0.55 -3.81 18.36
CA SER A 65 0.01 -2.46 18.45
C SER A 65 -0.19 -1.67 17.15
N LEU A 66 0.12 -2.31 16.02
CA LEU A 66 -0.07 -1.68 14.72
C LEU A 66 -1.52 -1.25 14.56
N ILE A 67 -2.45 -2.16 14.85
CA ILE A 67 -3.86 -1.89 14.69
C ILE A 67 -4.24 -0.65 15.49
N ALA A 68 -3.91 -0.67 16.78
CA ALA A 68 -4.27 0.43 17.68
C ALA A 68 -3.68 1.77 17.24
N GLU A 69 -2.36 1.82 17.14
CA GLU A 69 -1.67 3.05 16.76
C GLU A 69 -1.97 3.45 15.32
N ASN A 70 -2.77 2.64 14.63
CA ASN A 70 -3.10 2.88 13.23
C ASN A 70 -1.86 3.13 12.38
N LYS A 71 -0.91 2.21 12.46
CA LYS A 71 0.33 2.33 11.71
C LYS A 71 0.63 1.02 10.98
N ILE A 72 1.37 1.12 9.89
CA ILE A 72 1.76 -0.07 9.12
C ILE A 72 3.21 -0.45 9.35
N TYR A 73 4.08 0.56 9.47
CA TYR A 73 5.48 0.32 9.81
C TYR A 73 5.98 1.20 10.95
N LYS A 74 6.31 2.45 10.65
CA LYS A 74 6.84 3.35 11.66
C LYS A 74 5.89 4.52 11.93
N PHE A 75 5.25 5.01 10.88
CA PHE A 75 4.39 6.19 10.99
C PHE A 75 2.96 5.84 11.40
N LYS A 76 2.48 6.47 12.47
CA LYS A 76 1.11 6.32 12.92
C LYS A 76 0.24 7.31 12.18
N LYS A 77 -0.76 6.80 11.45
CA LYS A 77 -1.60 7.64 10.61
C LYS A 77 -2.80 8.17 11.36
N VAL A 78 -3.31 9.32 10.93
CA VAL A 78 -4.52 9.91 11.51
C VAL A 78 -5.72 8.99 11.41
N LYS A 79 -6.47 8.90 12.50
CA LYS A 79 -7.71 8.11 12.55
C LYS A 79 -8.81 8.76 11.72
N ARG A 80 -9.49 7.96 10.90
CA ARG A 80 -10.56 8.49 10.06
C ARG A 80 -11.93 8.11 10.63
N LYS A 81 -12.96 8.86 10.23
CA LYS A 81 -14.31 8.56 10.69
C LYS A 81 -14.93 7.42 9.87
N ARG A 82 -15.95 6.79 10.44
CA ARG A 82 -16.51 5.56 9.90
C ARG A 82 -16.99 5.68 8.46
N LYS A 83 -17.72 6.75 8.18
CA LYS A 83 -18.32 6.94 6.86
C LYS A 83 -17.27 6.87 5.74
N GLN A 84 -16.11 7.47 5.99
CA GLN A 84 -15.03 7.48 5.01
C GLN A 84 -14.39 6.10 4.84
N ILE A 85 -14.12 5.44 5.96
CA ILE A 85 -13.56 4.10 5.93
C ILE A 85 -14.43 3.18 5.08
N ILE A 86 -15.72 3.15 5.39
CA ILE A 86 -16.68 2.36 4.62
C ILE A 86 -16.69 2.76 3.15
N LEU A 87 -16.81 4.06 2.90
CA LEU A 87 -16.77 4.56 1.52
C LEU A 87 -15.60 3.95 0.76
N GLN A 88 -14.40 4.31 1.15
CA GLN A 88 -13.20 3.78 0.52
C GLN A 88 -13.23 2.26 0.40
N GLN A 89 -13.85 1.57 1.36
CA GLN A 89 -13.93 0.12 1.28
C GLN A 89 -14.81 -0.34 0.11
N HIS A 90 -15.91 0.37 -0.13
CA HIS A 90 -16.77 0.07 -1.27
C HIS A 90 -16.10 0.45 -2.59
N GLU A 91 -15.36 1.56 -2.58
CA GLU A 91 -14.59 1.98 -3.75
C GLU A 91 -13.57 0.91 -4.12
N ILE A 92 -12.79 0.49 -3.13
CA ILE A 92 -11.84 -0.62 -3.30
C ILE A 92 -12.58 -1.87 -3.76
N ASN A 93 -13.82 -2.02 -3.31
CA ASN A 93 -14.65 -3.13 -3.75
C ASN A 93 -14.83 -3.12 -5.27
N ILE A 94 -15.32 -2.00 -5.81
CA ILE A 94 -15.49 -1.90 -7.26
C ILE A 94 -14.15 -2.04 -7.99
N PHE A 95 -13.09 -1.50 -7.39
CA PHE A 95 -11.75 -1.61 -7.97
C PHE A 95 -11.40 -3.08 -8.15
N LEU A 96 -11.59 -3.85 -7.08
CA LEU A 96 -11.28 -5.27 -7.10
C LEU A 96 -12.16 -5.99 -8.11
N ARG A 97 -13.36 -5.47 -8.33
CA ARG A 97 -14.24 -6.03 -9.36
C ARG A 97 -13.62 -5.84 -10.74
N ASP A 98 -13.26 -4.60 -11.06
CA ASP A 98 -12.55 -4.29 -12.29
C ASP A 98 -11.37 -5.24 -12.48
N TYR A 99 -10.50 -5.28 -11.47
CA TYR A 99 -9.33 -6.14 -11.48
C TYR A 99 -9.69 -7.58 -11.83
N GLN A 100 -10.69 -8.14 -11.15
CA GLN A 100 -11.10 -9.52 -11.41
C GLN A 100 -11.54 -9.71 -12.88
N GLU A 101 -12.27 -8.73 -13.39
CA GLU A 101 -12.70 -8.75 -14.80
C GLU A 101 -11.49 -8.78 -15.75
N LYS A 102 -10.59 -7.82 -15.61
CA LYS A 102 -9.40 -7.74 -16.45
C LYS A 102 -8.57 -9.02 -16.38
N GLN A 103 -8.35 -9.51 -15.17
CA GLN A 103 -7.65 -10.77 -14.97
C GLN A 103 -8.33 -11.88 -15.79
N GLN A 104 -9.66 -11.88 -15.77
CA GLN A 104 -10.42 -12.86 -16.55
C GLN A 104 -10.16 -12.76 -18.06
N THR A 105 -10.48 -11.61 -18.65
CA THR A 105 -10.30 -11.43 -20.09
C THR A 105 -8.87 -11.78 -20.48
N PHE A 106 -7.92 -11.38 -19.66
CA PHE A 106 -6.51 -11.67 -19.89
C PHE A 106 -6.26 -13.17 -19.94
N ASN A 107 -6.79 -13.90 -18.96
CA ASN A 107 -6.66 -15.36 -18.99
C ASN A 107 -7.24 -15.96 -20.27
N LYS A 108 -8.31 -15.35 -20.77
CA LYS A 108 -8.94 -15.83 -22.01
C LYS A 108 -8.20 -15.41 -23.28
N ILE A 109 -7.31 -14.44 -23.17
CA ILE A 109 -6.54 -13.98 -24.33
C ILE A 109 -5.14 -14.58 -24.39
N ASN A 110 -4.54 -14.83 -23.23
CA ASN A 110 -3.21 -15.41 -23.18
C ASN A 110 -3.22 -16.92 -23.36
N PHE A 125 8.83 -11.70 -41.09
CA PHE A 125 8.54 -10.84 -39.95
C PHE A 125 9.12 -9.44 -40.13
N GLU A 126 10.25 -9.36 -40.82
CA GLU A 126 10.88 -8.07 -41.11
C GLU A 126 10.05 -7.33 -42.14
N ARG A 127 9.64 -8.04 -43.18
CA ARG A 127 8.80 -7.48 -44.22
C ARG A 127 7.50 -6.93 -43.63
N LYS A 128 7.04 -7.55 -42.55
CA LYS A 128 5.85 -7.08 -41.86
C LYS A 128 6.16 -5.88 -40.97
N LEU A 129 7.39 -5.85 -40.44
CA LEU A 129 7.83 -4.71 -39.64
C LEU A 129 7.82 -3.45 -40.49
N GLN A 130 8.53 -3.49 -41.62
CA GLN A 130 8.52 -2.37 -42.54
C GLN A 130 7.13 -2.15 -43.10
N GLN A 131 6.38 -3.24 -43.26
CA GLN A 131 5.01 -3.18 -43.75
C GLN A 131 4.14 -2.27 -42.89
N LEU A 132 4.24 -2.44 -41.57
CA LEU A 132 3.45 -1.64 -40.65
C LEU A 132 4.05 -0.25 -40.44
N GLU A 133 5.38 -0.18 -40.34
CA GLU A 133 6.06 1.10 -40.19
C GLU A 133 5.75 2.03 -41.36
N LYS A 134 5.46 1.45 -42.52
CA LYS A 134 5.05 2.22 -43.69
C LYS A 134 3.68 2.84 -43.50
N GLU A 135 2.74 2.04 -43.00
CA GLU A 135 1.38 2.53 -42.77
C GLU A 135 1.32 3.50 -41.60
N LEU A 136 2.36 3.48 -40.76
CA LEU A 136 2.43 4.42 -39.65
C LEU A 136 2.63 5.85 -40.14
N LYS A 137 3.08 5.99 -41.38
CA LYS A 137 3.25 7.30 -42.00
C LYS A 137 1.90 7.96 -42.28
N ASN A 138 0.83 7.16 -42.19
CA ASN A 138 -0.52 7.65 -42.44
C ASN A 138 -0.86 8.90 -41.62
N GLU A 139 -1.55 9.84 -42.26
CA GLU A 139 -1.96 11.07 -41.59
C GLU A 139 -0.80 11.70 -40.83
N ASP A 140 0.16 12.24 -41.55
CA ASP A 140 1.33 12.86 -40.95
C ASP A 140 0.96 14.16 -40.24
N GLU A 141 0.03 14.91 -40.82
CA GLU A 141 -0.40 16.19 -40.26
C GLU A 141 -1.42 16.02 -39.14
N ASN A 142 -1.02 15.38 -38.05
CA ASN A 142 -1.89 15.21 -36.89
C ASN A 142 -1.38 16.01 -35.69
N PHE A 143 -1.40 17.33 -35.82
CA PHE A 143 -0.94 18.21 -34.76
C PHE A 143 -1.77 18.05 -33.49
N GLU A 144 -1.23 17.33 -32.52
CA GLU A 144 -1.93 17.10 -31.25
C GLU A 144 -1.01 16.50 -30.20
N LEU A 145 -1.09 17.01 -28.97
CA LEU A 145 -0.32 16.49 -27.86
C LEU A 145 -1.04 15.31 -27.21
N ASP A 146 -0.32 14.19 -27.05
CA ASP A 146 -0.93 12.98 -26.53
C ASP A 146 -0.27 12.52 -25.22
N ILE A 147 -0.82 12.98 -24.11
CA ILE A 147 -0.34 12.62 -22.78
C ILE A 147 -1.52 12.14 -21.95
N ASN A 148 -2.15 11.05 -22.38
CA ASN A 148 -3.41 10.62 -21.78
C ASN A 148 -3.66 9.13 -21.65
N SER A 149 -2.62 8.31 -21.76
CA SER A 149 -2.83 6.88 -21.59
C SER A 149 -2.64 6.39 -20.14
N LYS A 150 -1.45 6.61 -19.60
CA LYS A 150 -1.19 6.26 -18.21
C LYS A 150 -1.68 7.34 -17.25
N LYS A 151 -1.80 8.56 -17.74
CA LYS A 151 -2.25 9.67 -16.91
C LYS A 151 -3.75 9.63 -16.69
N ASP A 152 -4.49 9.23 -17.72
CA ASP A 152 -5.94 9.15 -17.63
C ASP A 152 -6.35 7.94 -16.79
N LYS A 153 -5.48 6.94 -16.70
CA LYS A 153 -5.74 5.75 -15.90
C LYS A 153 -5.32 5.99 -14.44
N TYR A 154 -4.04 6.30 -14.27
CA TYR A 154 -3.52 6.70 -12.97
C TYR A 154 -4.52 7.66 -12.34
N ALA A 155 -4.94 8.66 -13.11
CA ALA A 155 -5.94 9.62 -12.64
C ALA A 155 -7.30 8.97 -12.43
N LEU A 156 -7.67 8.06 -13.34
CA LEU A 156 -8.97 7.41 -13.28
C LEU A 156 -9.15 6.61 -11.99
N PHE A 157 -8.05 6.32 -11.29
CA PHE A 157 -8.15 5.51 -10.08
C PHE A 157 -7.58 6.12 -8.79
N SER A 158 -7.30 7.43 -8.77
CA SER A 158 -6.61 8.02 -7.62
C SER A 158 -7.50 8.77 -6.64
N SER A 159 -6.96 9.06 -5.47
CA SER A 159 -7.67 9.85 -4.45
C SER A 159 -8.08 11.21 -5.01
N SER A 160 -9.24 11.67 -4.58
CA SER A 160 -9.69 13.04 -4.85
C SER A 160 -9.85 13.36 -6.34
N SER A 161 -10.27 12.38 -7.13
CA SER A 161 -10.33 12.56 -8.58
C SER A 161 -11.54 13.34 -9.09
N ASP A 162 -12.44 13.73 -8.19
CA ASP A 162 -13.68 14.38 -8.62
C ASP A 162 -13.63 15.91 -8.63
N PRO A 163 -13.27 16.52 -7.48
CA PRO A 163 -13.33 17.98 -7.38
C PRO A 163 -12.23 18.67 -8.18
N SER A 164 -12.24 20.00 -8.14
CA SER A 164 -11.21 20.80 -8.78
C SER A 164 -9.82 20.46 -8.25
N ARG A 165 -9.70 20.44 -6.92
CA ARG A 165 -8.43 20.11 -6.27
C ARG A 165 -8.62 19.09 -5.15
N ARG A 166 -9.31 19.49 -4.07
CA ARG A 166 -9.49 18.63 -2.91
C ARG A 166 -10.83 18.85 -2.21
N THR A 167 -11.87 18.17 -2.67
CA THR A 167 -13.20 18.27 -2.07
C THR A 167 -13.84 16.90 -1.83
N ASN A 168 -13.62 15.97 -2.76
CA ASN A 168 -14.22 14.64 -2.69
C ASN A 168 -13.19 13.52 -2.82
N ILE A 169 -13.04 12.72 -1.77
CA ILE A 169 -12.08 11.62 -1.75
C ILE A 169 -12.29 10.60 -2.86
N LEU A 170 -13.53 10.49 -3.32
CA LEU A 170 -13.86 9.50 -4.34
C LEU A 170 -13.14 9.74 -5.66
N SER A 171 -12.66 8.64 -6.24
CA SER A 171 -11.97 8.67 -7.52
C SER A 171 -12.97 8.85 -8.66
N ASP A 172 -12.47 9.35 -9.79
CA ASP A 172 -13.30 9.49 -10.98
C ASP A 172 -13.97 8.17 -11.34
N ARG A 173 -13.28 7.07 -11.03
CA ARG A 173 -13.80 5.74 -11.30
C ARG A 173 -15.16 5.51 -10.65
N ALA A 174 -15.26 5.89 -9.38
CA ALA A 174 -16.50 5.72 -8.63
C ALA A 174 -17.02 7.05 -8.13
N ARG A 175 -17.23 7.99 -9.04
CA ARG A 175 -17.63 9.34 -8.67
C ARG A 175 -19.10 9.44 -8.27
N ASP A 176 -19.88 8.46 -8.69
CA ASP A 176 -21.31 8.44 -8.38
C ASP A 176 -21.63 7.36 -7.36
N LEU A 177 -20.64 7.07 -6.52
CA LEU A 177 -20.81 6.09 -5.45
C LEU A 177 -21.34 6.81 -4.22
N ASP A 178 -22.48 6.36 -3.71
CA ASP A 178 -23.09 6.97 -2.53
C ASP A 178 -23.54 5.95 -1.50
N LEU A 179 -22.98 6.04 -0.30
CA LEU A 179 -23.28 5.07 0.75
C LEU A 179 -24.70 5.19 1.27
N ASN A 180 -25.23 6.41 1.31
CA ASN A 180 -26.57 6.63 1.85
C ASN A 180 -27.66 5.89 1.07
N GLU A 181 -27.29 5.32 -0.06
CA GLU A 181 -28.21 4.56 -0.90
C GLU A 181 -28.06 3.08 -0.58
N ILE A 182 -27.24 2.79 0.41
CA ILE A 182 -26.93 1.42 0.81
C ILE A 182 -27.20 1.24 2.30
N PHE A 183 -26.93 2.31 3.05
CA PHE A 183 -27.15 2.31 4.49
C PHE A 183 -28.23 3.32 4.84
N THR A 184 -29.11 2.95 5.76
CA THR A 184 -30.10 3.89 6.28
C THR A 184 -29.44 4.71 7.38
N ARG A 185 -30.11 5.75 7.84
CA ARG A 185 -29.56 6.62 8.87
C ARG A 185 -29.42 5.93 10.22
N ASP A 186 -30.31 4.99 10.52
CA ASP A 186 -30.27 4.31 11.80
C ASP A 186 -29.19 3.24 11.86
N GLU A 187 -28.62 2.89 10.71
CA GLU A 187 -27.54 1.91 10.67
C GLU A 187 -26.17 2.58 10.86
N GLN A 188 -26.10 3.86 10.55
CA GLN A 188 -24.87 4.62 10.73
C GLN A 188 -23.68 3.89 10.11
N TYR A 189 -23.79 3.58 8.83
CA TYR A 189 -22.71 2.93 8.08
C TYR A 189 -22.11 1.73 8.80
N GLY A 190 -22.97 0.92 9.40
CA GLY A 190 -22.54 -0.34 9.99
C GLY A 190 -22.38 -0.31 11.50
N GLU A 191 -22.56 0.86 12.09
CA GLU A 191 -22.45 0.99 13.53
C GLU A 191 -23.57 0.19 14.20
N TYR A 192 -24.80 0.42 13.75
CA TYR A 192 -25.97 -0.29 14.28
C TYR A 192 -26.73 -0.99 13.17
N MSE A 193 -27.58 -1.92 13.54
CA MSE A 193 -28.53 -2.47 12.58
C MSE A 193 -29.96 -2.18 13.04
O MSE A 193 -30.31 -2.46 14.18
CB MSE A 193 -28.32 -3.96 12.34
CG MSE A 193 -28.01 -4.81 13.57
SE MSE A 193 -27.58 -6.65 13.04
CE MSE A 193 -27.40 -7.46 14.80
N GLU A 194 -30.76 -1.59 12.16
CA GLU A 194 -32.11 -1.16 12.53
C GLU A 194 -33.09 -2.33 12.63
N LEU A 195 -33.50 -2.65 13.85
CA LEU A 195 -34.34 -3.81 14.09
C LEU A 195 -35.71 -3.42 14.59
N GLU A 196 -35.96 -2.12 14.73
CA GLU A 196 -37.27 -1.64 15.16
C GLU A 196 -38.35 -2.15 14.20
N GLN A 197 -38.11 -1.95 12.89
CA GLN A 197 -39.03 -2.43 11.86
C GLN A 197 -39.42 -3.88 12.09
N PHE A 198 -38.42 -4.72 12.31
CA PHE A 198 -38.67 -6.13 12.58
C PHE A 198 -39.41 -6.36 13.90
N HIS A 199 -39.26 -5.45 14.85
CA HIS A 199 -40.03 -5.51 16.08
C HIS A 199 -41.51 -5.28 15.75
N SER A 200 -41.78 -4.32 14.88
CA SER A 200 -43.13 -4.10 14.38
C SER A 200 -43.67 -5.38 13.76
N LEU A 201 -43.04 -5.83 12.69
CA LEU A 201 -43.50 -7.05 12.02
C LEU A 201 -43.72 -8.16 13.05
N TRP A 202 -42.87 -8.23 14.05
CA TRP A 202 -42.95 -9.27 15.06
C TRP A 202 -44.23 -9.15 15.87
N LEU A 203 -44.55 -7.92 16.28
CA LEU A 203 -45.80 -7.67 16.99
C LEU A 203 -46.96 -8.18 16.13
N ASN A 204 -46.88 -7.88 14.83
CA ASN A 204 -47.89 -8.36 13.89
C ASN A 204 -47.93 -9.89 13.83
N VAL A 205 -46.80 -10.54 14.12
CA VAL A 205 -46.70 -11.99 14.05
C VAL A 205 -47.25 -12.70 15.29
N ILE A 206 -46.99 -12.14 16.46
CA ILE A 206 -47.39 -12.75 17.73
C ILE A 206 -48.84 -12.42 18.09
N LYS A 207 -49.43 -11.50 17.32
CA LYS A 207 -50.81 -11.09 17.53
C LYS A 207 -51.06 -10.56 18.95
N ARG A 208 -50.12 -9.76 19.45
CA ARG A 208 -50.30 -9.09 20.73
C ARG A 208 -49.33 -7.91 20.88
N GLY A 209 -49.17 -7.43 22.10
CA GLY A 209 -48.29 -6.29 22.36
C GLY A 209 -47.43 -6.49 23.60
N ASP A 210 -47.48 -7.69 24.17
CA ASP A 210 -46.70 -8.02 25.36
C ASP A 210 -45.21 -7.96 25.09
N CYS A 211 -44.83 -7.71 23.84
CA CYS A 211 -43.43 -7.78 23.46
C CYS A 211 -42.83 -6.40 23.21
N SER A 212 -41.79 -6.08 23.97
CA SER A 212 -41.11 -4.79 23.85
C SER A 212 -39.89 -4.94 22.96
N LEU A 213 -39.40 -3.80 22.46
CA LEU A 213 -38.21 -3.79 21.62
C LEU A 213 -37.09 -4.61 22.26
N LEU A 214 -36.87 -4.39 23.56
CA LEU A 214 -35.82 -5.07 24.29
C LEU A 214 -36.10 -6.57 24.46
N GLN A 215 -37.36 -6.92 24.68
CA GLN A 215 -37.74 -8.34 24.78
C GLN A 215 -37.60 -9.03 23.42
N PHE A 216 -37.82 -8.25 22.36
CA PHE A 216 -37.62 -8.75 21.00
C PHE A 216 -36.14 -9.03 20.76
N LEU A 217 -35.27 -8.08 21.11
CA LEU A 217 -33.83 -8.31 21.03
C LEU A 217 -33.40 -9.53 21.86
N ASP A 218 -34.01 -9.67 23.04
CA ASP A 218 -33.80 -10.83 23.89
C ASP A 218 -34.16 -12.10 23.13
N ILE A 219 -35.20 -12.01 22.30
CA ILE A 219 -35.59 -13.13 21.45
C ILE A 219 -34.53 -13.41 20.39
N LEU A 220 -34.05 -12.36 19.73
CA LEU A 220 -33.02 -12.51 18.70
C LEU A 220 -31.79 -13.21 19.25
N GLU A 221 -31.38 -12.84 20.47
CA GLU A 221 -30.21 -13.45 21.09
C GLU A 221 -30.18 -14.98 20.97
N LEU A 222 -31.34 -15.61 21.01
CA LEU A 222 -31.45 -17.05 20.84
C LEU A 222 -30.61 -17.54 19.66
N PHE A 223 -30.56 -16.73 18.62
CA PHE A 223 -29.88 -17.12 17.37
C PHE A 223 -28.37 -16.95 17.43
N LEU A 224 -27.85 -16.50 18.57
CA LEU A 224 -26.40 -16.48 18.75
C LEU A 224 -25.95 -17.86 19.23
N ASP A 225 -26.84 -18.55 19.91
CA ASP A 225 -26.56 -19.90 20.40
C ASP A 225 -26.71 -20.89 19.26
N ASP A 226 -26.01 -22.03 19.38
CA ASP A 226 -26.03 -23.03 18.33
C ASP A 226 -27.23 -23.95 18.46
N GLU A 227 -27.89 -23.91 19.61
CA GLU A 227 -28.98 -24.83 19.90
C GLU A 227 -30.29 -24.15 20.34
N LYS A 228 -30.17 -23.00 21.00
CA LYS A 228 -31.35 -22.32 21.54
C LYS A 228 -32.42 -22.01 20.51
N TYR A 229 -32.03 -21.36 19.43
CA TYR A 229 -32.99 -21.00 18.38
C TYR A 229 -33.67 -22.23 17.82
N LEU A 230 -33.15 -23.41 18.16
CA LEU A 230 -33.67 -24.67 17.64
C LEU A 230 -34.53 -25.40 18.67
N LEU A 231 -34.13 -25.33 19.94
CA LEU A 231 -34.79 -26.10 20.99
C LEU A 231 -35.59 -25.25 21.97
N THR A 232 -35.51 -23.93 21.83
CA THR A 232 -36.27 -23.01 22.66
C THR A 232 -36.80 -21.88 21.80
N PRO A 233 -37.59 -22.24 20.77
CA PRO A 233 -38.03 -21.28 19.75
C PRO A 233 -39.04 -20.31 20.31
N PRO A 234 -38.99 -19.05 19.86
CA PRO A 234 -39.97 -18.04 20.28
C PRO A 234 -41.37 -18.56 19.97
N MSE A 235 -41.56 -19.05 18.76
CA MSE A 235 -42.83 -19.60 18.33
C MSE A 235 -42.61 -21.01 17.83
O MSE A 235 -41.47 -21.48 17.80
CB MSE A 235 -43.44 -18.73 17.23
CG MSE A 235 -44.87 -18.32 17.48
SE MSE A 235 -45.42 -16.85 16.35
CE MSE A 235 -44.11 -15.54 16.93
N ASP A 236 -43.68 -21.69 17.46
CA ASP A 236 -43.55 -23.02 16.87
C ASP A 236 -42.93 -22.89 15.48
N ARG A 237 -41.83 -23.61 15.26
CA ARG A 237 -41.07 -23.46 14.02
C ARG A 237 -41.82 -23.96 12.78
N LYS A 238 -43.04 -24.45 12.97
CA LYS A 238 -43.86 -24.84 11.83
C LYS A 238 -44.98 -23.84 11.58
N ASN A 239 -44.96 -22.74 12.32
CA ASN A 239 -45.92 -21.65 12.12
C ASN A 239 -45.58 -20.83 10.88
N ASP A 240 -46.60 -20.48 10.11
CA ASP A 240 -46.41 -19.75 8.86
C ASP A 240 -45.85 -18.35 9.08
N ARG A 241 -46.65 -17.49 9.72
CA ARG A 241 -46.23 -16.13 10.03
C ARG A 241 -44.78 -16.11 10.50
N TYR A 242 -44.47 -17.02 11.42
CA TYR A 242 -43.14 -17.12 11.99
C TYR A 242 -42.07 -17.40 10.93
N MSE A 243 -42.28 -18.42 10.13
CA MSE A 243 -41.29 -18.78 9.12
C MSE A 243 -41.08 -17.66 8.10
O MSE A 243 -39.96 -17.41 7.64
CB MSE A 243 -41.68 -20.08 8.42
CG MSE A 243 -41.75 -21.29 9.35
SE MSE A 243 -42.25 -22.92 8.42
CE MSE A 243 -43.90 -22.28 7.60
N ALA A 244 -42.16 -16.96 7.75
CA ALA A 244 -42.07 -15.85 6.82
C ALA A 244 -41.21 -14.74 7.41
N PHE A 245 -41.58 -14.34 8.63
CA PHE A 245 -40.82 -13.34 9.35
C PHE A 245 -39.34 -13.71 9.35
N LEU A 246 -39.04 -14.90 9.86
CA LEU A 246 -37.67 -15.38 9.93
C LEU A 246 -36.95 -15.25 8.59
N LEU A 247 -37.65 -15.57 7.50
CA LEU A 247 -37.07 -15.38 6.18
C LEU A 247 -36.65 -13.92 5.95
N LYS A 248 -37.61 -13.01 6.08
CA LYS A 248 -37.33 -11.59 5.85
C LYS A 248 -36.15 -11.09 6.67
N LEU A 249 -36.19 -11.40 7.96
CA LEU A 249 -35.15 -11.02 8.91
C LEU A 249 -33.78 -11.56 8.51
N SER A 250 -33.73 -12.86 8.22
CA SER A 250 -32.51 -13.51 7.79
C SER A 250 -31.90 -12.76 6.61
N LYS A 251 -32.71 -12.58 5.57
CA LYS A 251 -32.26 -11.84 4.39
C LYS A 251 -31.65 -10.50 4.81
N TYR A 252 -32.36 -9.78 5.67
CA TYR A 252 -31.86 -8.47 6.12
C TYR A 252 -30.48 -8.57 6.76
N VAL A 253 -30.34 -9.47 7.73
CA VAL A 253 -29.09 -9.64 8.45
C VAL A 253 -27.93 -9.94 7.50
N GLU A 254 -28.18 -10.82 6.53
CA GLU A 254 -27.14 -11.19 5.57
C GLU A 254 -26.71 -10.01 4.70
N THR A 255 -27.69 -9.35 4.09
CA THR A 255 -27.36 -8.20 3.25
C THR A 255 -26.61 -7.15 4.07
N PHE A 256 -27.02 -6.94 5.31
CA PHE A 256 -26.37 -6.01 6.21
C PHE A 256 -24.91 -6.41 6.41
N PHE A 257 -24.71 -7.71 6.67
CA PHE A 257 -23.39 -8.24 6.90
C PHE A 257 -22.45 -7.90 5.75
N PHE A 258 -22.79 -8.35 4.56
CA PHE A 258 -21.90 -8.11 3.42
C PHE A 258 -21.83 -6.63 3.04
N LYS A 259 -22.86 -5.88 3.42
CA LYS A 259 -22.92 -4.46 3.14
C LYS A 259 -21.89 -3.72 3.97
N SER A 260 -21.71 -4.18 5.21
CA SER A 260 -20.85 -3.52 6.18
C SER A 260 -19.40 -3.97 6.08
N TYR A 261 -19.16 -5.01 5.28
CA TYR A 261 -17.81 -5.52 5.06
C TYR A 261 -17.57 -5.82 3.60
N ALA A 262 -17.58 -4.79 2.78
CA ALA A 262 -17.38 -4.94 1.34
C ALA A 262 -16.12 -5.74 1.04
N LEU A 263 -15.02 -5.41 1.73
CA LEU A 263 -13.71 -5.95 1.39
C LEU A 263 -13.58 -7.48 1.44
N LEU A 264 -14.48 -8.16 2.15
CA LEU A 264 -14.36 -9.61 2.22
C LEU A 264 -15.09 -10.31 1.10
N ASP A 265 -14.47 -11.33 0.52
CA ASP A 265 -15.05 -12.05 -0.61
C ASP A 265 -16.39 -12.68 -0.22
N ALA A 266 -17.47 -12.12 -0.76
CA ALA A 266 -18.81 -12.55 -0.42
C ALA A 266 -19.04 -14.02 -0.82
N ALA A 267 -18.62 -14.36 -2.02
CA ALA A 267 -18.82 -15.71 -2.54
C ALA A 267 -18.15 -16.76 -1.67
N ALA A 268 -16.93 -16.45 -1.23
CA ALA A 268 -16.19 -17.34 -0.33
C ALA A 268 -17.01 -17.66 0.92
N VAL A 269 -17.48 -16.61 1.59
CA VAL A 269 -18.30 -16.76 2.79
C VAL A 269 -19.55 -17.59 2.51
N GLU A 270 -20.28 -17.21 1.46
CA GLU A 270 -21.49 -17.92 1.08
C GLU A 270 -21.21 -19.41 0.97
N ASN A 271 -20.23 -19.76 0.16
CA ASN A 271 -19.90 -21.17 -0.07
C ASN A 271 -19.48 -21.90 1.19
N LEU A 272 -18.68 -21.22 2.00
CA LEU A 272 -18.29 -21.78 3.29
C LEU A 272 -19.54 -22.18 4.07
N ILE A 273 -20.44 -21.22 4.28
CA ILE A 273 -21.65 -21.50 5.04
C ILE A 273 -22.45 -22.65 4.42
N LYS A 274 -22.64 -22.62 3.10
CA LYS A 274 -23.40 -23.66 2.41
C LYS A 274 -22.82 -25.06 2.65
N SER A 275 -21.50 -25.16 2.57
CA SER A 275 -20.84 -26.44 2.78
C SER A 275 -20.95 -26.88 4.24
N ASP A 276 -20.90 -25.93 5.16
CA ASP A 276 -21.09 -26.27 6.57
C ASP A 276 -22.51 -26.80 6.77
N PHE A 277 -23.46 -26.23 6.04
CA PHE A 277 -24.85 -26.60 6.12
C PHE A 277 -25.04 -28.04 5.62
N GLU A 278 -24.44 -28.35 4.48
CA GLU A 278 -24.61 -29.66 3.88
C GLU A 278 -23.85 -30.76 4.62
N HIS A 279 -22.60 -30.47 4.98
CA HIS A 279 -21.71 -31.50 5.50
C HIS A 279 -21.89 -31.78 6.98
N SER A 280 -22.33 -30.78 7.74
CA SER A 280 -22.49 -30.94 9.19
C SER A 280 -23.93 -30.79 9.67
N TYR A 281 -24.51 -29.62 9.43
CA TYR A 281 -25.83 -29.28 9.95
C TYR A 281 -26.88 -30.35 9.63
N CYS A 282 -26.99 -30.72 8.35
CA CYS A 282 -27.98 -31.68 7.92
C CYS A 282 -27.52 -33.12 8.13
N ARG A 283 -26.38 -33.27 8.80
CA ARG A 283 -25.79 -34.59 9.03
C ARG A 283 -25.74 -34.95 10.50
N GLY A 284 -26.65 -34.39 11.28
CA GLY A 284 -26.67 -34.64 12.71
C GLY A 284 -25.55 -33.92 13.42
N SER A 285 -25.43 -32.61 13.15
CA SER A 285 -24.42 -31.78 13.78
C SER A 285 -24.79 -31.47 15.22
N LEU A 286 -26.09 -31.51 15.51
CA LEU A 286 -26.57 -31.30 16.87
C LEU A 286 -26.77 -32.63 17.59
N ARG A 287 -25.91 -32.89 18.57
CA ARG A 287 -25.94 -34.16 19.29
C ARG A 287 -26.08 -33.97 20.80
N SER A 288 -26.93 -34.81 21.39
CA SER A 288 -27.14 -34.81 22.83
C SER A 288 -26.81 -36.19 23.40
N GLU A 289 -26.12 -36.20 24.53
CA GLU A 289 -25.72 -37.45 25.16
C GLU A 289 -26.95 -38.23 25.67
N ALA A 290 -28.06 -37.53 25.80
CA ALA A 290 -29.29 -38.15 26.31
C ALA A 290 -30.28 -38.51 25.20
N LYS A 291 -30.63 -37.53 24.39
CA LYS A 291 -31.67 -37.72 23.37
C LYS A 291 -31.12 -38.14 22.01
N GLY A 292 -29.81 -37.97 21.81
CA GLY A 292 -29.17 -38.46 20.60
C GLY A 292 -28.87 -37.42 19.54
N ILE A 293 -29.65 -37.46 18.46
CA ILE A 293 -29.40 -36.60 17.31
C ILE A 293 -30.66 -35.87 16.86
N TYR A 294 -30.61 -34.54 16.86
CA TYR A 294 -31.75 -33.71 16.49
C TYR A 294 -31.76 -33.40 15.01
N CYS A 295 -32.96 -33.28 14.43
CA CYS A 295 -33.10 -32.97 13.01
C CYS A 295 -33.89 -31.68 12.79
N PRO A 296 -33.24 -30.68 12.18
CA PRO A 296 -33.83 -29.37 11.91
C PRO A 296 -35.13 -29.45 11.14
N PHE A 297 -35.24 -30.43 10.25
CA PHE A 297 -36.38 -30.53 9.33
C PHE A 297 -37.60 -31.19 9.96
N CYS A 298 -37.39 -32.17 10.82
CA CYS A 298 -38.50 -32.90 11.43
C CYS A 298 -38.71 -32.51 12.89
N SER A 299 -37.78 -31.73 13.44
CA SER A 299 -37.85 -31.29 14.82
C SER A 299 -38.05 -32.46 15.78
N ARG A 300 -37.30 -33.54 15.57
CA ARG A 300 -37.34 -34.69 16.46
C ARG A 300 -35.92 -35.18 16.73
N TRP A 301 -35.74 -35.84 17.87
CA TRP A 301 -34.46 -36.45 18.21
C TRP A 301 -34.42 -37.89 17.72
N PHE A 302 -33.30 -38.58 17.96
CA PHE A 302 -33.15 -39.96 17.54
C PHE A 302 -32.13 -40.71 18.41
N LYS A 303 -32.52 -41.90 18.87
CA LYS A 303 -31.70 -42.69 19.79
C LYS A 303 -30.24 -42.78 19.36
N THR A 304 -30.01 -43.43 18.22
CA THR A 304 -28.65 -43.63 17.71
C THR A 304 -28.50 -43.10 16.30
N SER A 305 -27.26 -43.03 15.83
CA SER A 305 -26.98 -42.55 14.48
C SER A 305 -27.61 -43.48 13.44
N SER A 306 -27.74 -44.75 13.80
CA SER A 306 -28.30 -45.76 12.90
C SER A 306 -29.72 -45.42 12.49
N VAL A 307 -30.60 -45.28 13.48
CA VAL A 307 -31.99 -44.93 13.22
C VAL A 307 -32.09 -43.54 12.60
N PHE A 308 -31.10 -42.70 12.89
CA PHE A 308 -31.05 -41.36 12.33
C PHE A 308 -30.84 -41.39 10.82
N GLU A 309 -29.96 -42.28 10.39
CA GLU A 309 -29.64 -42.42 8.96
C GLU A 309 -30.80 -43.03 8.19
N SER A 310 -31.39 -44.08 8.76
CA SER A 310 -32.52 -44.76 8.13
C SER A 310 -33.81 -43.95 8.25
N HIS A 311 -33.70 -42.78 8.87
CA HIS A 311 -34.82 -41.86 8.97
C HIS A 311 -34.70 -40.76 7.91
N LEU A 312 -33.50 -40.62 7.35
CA LEU A 312 -33.22 -39.59 6.36
C LEU A 312 -33.65 -40.03 4.96
N VAL A 313 -34.22 -41.22 4.88
CA VAL A 313 -34.74 -41.73 3.61
C VAL A 313 -36.24 -41.95 3.70
N GLY A 314 -36.76 -41.91 4.91
CA GLY A 314 -38.18 -42.11 5.15
C GLY A 314 -39.04 -41.06 4.47
N LYS A 315 -40.29 -41.41 4.20
CA LYS A 315 -41.21 -40.51 3.51
C LYS A 315 -41.43 -39.22 4.27
N ILE A 316 -41.43 -39.30 5.60
CA ILE A 316 -41.60 -38.12 6.44
C ILE A 316 -40.51 -37.11 6.18
N HIS A 317 -39.27 -37.50 6.43
CA HIS A 317 -38.14 -36.61 6.25
C HIS A 317 -38.00 -36.12 4.80
N LYS A 318 -38.36 -36.97 3.85
CA LYS A 318 -38.36 -36.55 2.46
C LYS A 318 -39.34 -35.40 2.27
N LYS A 319 -40.56 -35.60 2.74
CA LYS A 319 -41.58 -34.56 2.69
C LYS A 319 -41.06 -33.26 3.27
N ASN A 320 -40.67 -33.31 4.54
CA ASN A 320 -40.23 -32.10 5.26
C ASN A 320 -39.03 -31.41 4.62
N GLU A 321 -37.95 -32.16 4.37
CA GLU A 321 -36.76 -31.61 3.75
C GLU A 321 -37.08 -31.08 2.35
N SER A 322 -38.22 -31.53 1.81
CA SER A 322 -38.63 -31.10 0.47
C SER A 322 -39.55 -29.90 0.51
N LYS A 323 -40.11 -29.61 1.68
CA LYS A 323 -41.01 -28.47 1.82
C LYS A 323 -40.39 -27.32 2.61
N ARG A 324 -39.68 -27.65 3.69
CA ARG A 324 -39.15 -26.64 4.59
C ARG A 324 -37.66 -26.41 4.41
N ARG A 325 -37.15 -26.73 3.22
CA ARG A 325 -35.70 -26.62 2.97
C ARG A 325 -35.25 -25.17 3.03
N ASN A 326 -35.86 -24.32 2.20
CA ASN A 326 -35.49 -22.91 2.15
C ASN A 326 -35.53 -22.25 3.52
N PHE A 327 -36.58 -22.53 4.29
CA PHE A 327 -36.71 -21.95 5.63
C PHE A 327 -35.58 -22.42 6.55
N VAL A 328 -35.37 -23.73 6.64
CA VAL A 328 -34.28 -24.25 7.45
C VAL A 328 -32.95 -23.56 7.10
N TYR A 329 -32.63 -23.54 5.81
CA TYR A 329 -31.40 -22.90 5.35
C TYR A 329 -31.32 -21.42 5.75
N SER A 330 -32.43 -20.70 5.63
CA SER A 330 -32.48 -19.28 5.98
C SER A 330 -32.28 -19.06 7.47
N GLU A 331 -32.91 -19.92 8.26
CA GLU A 331 -32.74 -19.94 9.70
C GLU A 331 -31.26 -20.05 10.01
N TYR A 332 -30.63 -21.07 9.42
CA TYR A 332 -29.21 -21.33 9.62
C TYR A 332 -28.36 -20.09 9.30
N LYS A 333 -28.61 -19.50 8.13
CA LYS A 333 -27.91 -18.27 7.75
C LYS A 333 -28.08 -17.17 8.80
N LEU A 334 -29.32 -16.93 9.22
CA LEU A 334 -29.59 -15.95 10.28
C LEU A 334 -28.69 -16.24 11.47
N HIS A 335 -28.60 -17.51 11.82
CA HIS A 335 -27.74 -17.97 12.91
C HIS A 335 -26.28 -17.54 12.73
N ARG A 336 -25.65 -18.01 11.66
CA ARG A 336 -24.21 -17.79 11.48
C ARG A 336 -23.84 -16.34 11.20
N TYR A 337 -24.68 -15.65 10.45
CA TYR A 337 -24.47 -14.24 10.18
C TYR A 337 -24.65 -13.38 11.45
N LEU A 338 -25.60 -13.77 12.30
CA LEU A 338 -25.77 -13.05 13.54
C LEU A 338 -24.58 -13.32 14.45
N LYS A 339 -24.05 -14.53 14.40
CA LYS A 339 -22.83 -14.84 15.14
C LYS A 339 -21.66 -13.97 14.66
N TYR A 340 -21.51 -13.84 13.35
CA TYR A 340 -20.41 -13.03 12.80
C TYR A 340 -20.58 -11.56 13.13
N LEU A 341 -21.78 -11.16 13.54
CA LEU A 341 -22.08 -9.75 13.79
C LEU A 341 -22.35 -9.49 15.28
N ASN A 342 -21.92 -10.40 16.13
CA ASN A 342 -22.18 -10.27 17.57
C ASN A 342 -21.87 -8.87 18.11
N ASP A 343 -20.76 -8.30 17.64
CA ASP A 343 -20.34 -6.98 18.11
C ASP A 343 -21.33 -5.89 17.73
N GLU A 344 -21.90 -6.00 16.53
CA GLU A 344 -22.90 -5.04 16.06
C GLU A 344 -24.22 -5.23 16.80
N PHE A 345 -24.61 -6.48 17.00
CA PHE A 345 -25.81 -6.78 17.76
C PHE A 345 -25.73 -6.14 19.15
N SER A 346 -24.64 -6.42 19.86
CA SER A 346 -24.42 -5.83 21.18
C SER A 346 -24.43 -4.31 21.12
N ARG A 347 -23.66 -3.76 20.18
CA ARG A 347 -23.59 -2.31 20.01
C ARG A 347 -24.99 -1.69 19.88
N THR A 348 -25.83 -2.29 19.05
CA THR A 348 -27.18 -1.77 18.88
C THR A 348 -28.01 -1.92 20.16
N ARG A 349 -28.06 -3.12 20.72
CA ARG A 349 -28.82 -3.32 21.95
C ARG A 349 -28.46 -2.23 22.97
N SER A 350 -27.17 -1.97 23.10
CA SER A 350 -26.69 -0.89 23.93
C SER A 350 -27.37 0.41 23.52
N PHE A 351 -27.27 0.75 22.23
CA PHE A 351 -27.87 1.98 21.74
C PHE A 351 -29.33 2.11 22.20
N VAL A 352 -30.09 1.04 21.95
CA VAL A 352 -31.48 0.97 22.37
C VAL A 352 -31.64 1.37 23.83
N GLU A 353 -30.95 0.65 24.72
CA GLU A 353 -31.07 0.97 26.14
C GLU A 353 -30.74 2.44 26.45
N ARG A 354 -29.68 2.96 25.83
CA ARG A 354 -29.33 4.37 25.99
C ARG A 354 -30.48 5.29 25.60
N LYS A 355 -30.80 5.34 24.32
CA LYS A 355 -31.89 6.17 23.83
C LYS A 355 -33.11 6.04 24.73
N LEU A 356 -33.39 4.82 25.15
CA LEU A 356 -34.54 4.52 25.98
C LEU A 356 -34.46 5.26 27.31
N ALA A 357 -33.25 5.35 27.87
CA ALA A 357 -33.05 6.00 29.16
C ALA A 357 -32.79 7.51 29.05
N PHE A 358 -32.96 8.05 27.85
CA PHE A 358 -32.80 9.49 27.61
C PHE A 358 -34.03 10.24 28.08
N THR A 359 -33.92 11.56 28.07
CA THR A 359 -35.07 12.44 28.24
C THR A 359 -35.53 12.85 26.86
N ALA A 360 -36.34 13.90 26.80
CA ALA A 360 -36.83 14.40 25.53
C ALA A 360 -35.70 15.15 24.82
N ASN A 361 -35.16 16.17 25.48
CA ASN A 361 -34.10 16.97 24.89
C ASN A 361 -32.90 16.11 24.49
N GLU A 362 -32.52 15.19 25.37
CA GLU A 362 -31.42 14.28 25.11
C GLU A 362 -31.64 13.47 23.84
N ARG A 363 -32.76 12.77 23.78
CA ARG A 363 -33.11 11.95 22.63
C ARG A 363 -33.09 12.79 21.36
N MSE A 364 -33.59 14.02 21.47
CA MSE A 364 -33.63 14.92 20.33
C MSE A 364 -32.22 15.26 19.82
O MSE A 364 -31.94 15.16 18.63
CB MSE A 364 -34.40 16.19 20.67
CG MSE A 364 -34.76 17.05 19.47
SE MSE A 364 -36.02 18.47 19.93
CE MSE A 364 -37.45 17.37 20.65
N ALA A 365 -31.35 15.67 20.73
CA ALA A 365 -29.97 16.03 20.37
C ALA A 365 -29.21 14.85 19.80
N GLU A 366 -29.42 13.67 20.38
CA GLU A 366 -28.81 12.44 19.87
C GLU A 366 -29.25 12.20 18.42
N MSE A 367 -30.56 12.24 18.20
CA MSE A 367 -31.08 12.11 16.84
C MSE A 367 -30.41 13.12 15.90
O MSE A 367 -30.01 12.77 14.79
CB MSE A 367 -32.59 12.28 16.80
CG MSE A 367 -33.38 11.14 17.44
SE MSE A 367 -32.93 9.37 16.73
CE MSE A 367 -31.49 8.90 17.95
N ASP A 368 -30.31 14.36 16.36
CA ASP A 368 -29.59 15.38 15.59
C ASP A 368 -28.22 14.88 15.18
N ILE A 369 -27.49 14.30 16.14
CA ILE A 369 -26.15 13.78 15.86
C ILE A 369 -26.16 12.68 14.79
N LEU A 370 -27.03 11.69 14.96
CA LEU A 370 -27.11 10.61 13.97
C LEU A 370 -27.38 11.18 12.58
N THR A 371 -28.30 12.14 12.53
CA THR A 371 -28.64 12.82 11.29
C THR A 371 -27.43 13.51 10.65
N GLN A 372 -26.72 14.32 11.44
CA GLN A 372 -25.55 15.02 10.93
C GLN A 372 -24.53 14.02 10.38
N LYS A 373 -24.24 12.99 11.15
CA LYS A 373 -23.33 11.95 10.68
C LYS A 373 -23.81 11.39 9.35
N TYR A 374 -25.13 11.28 9.19
CA TYR A 374 -25.69 10.71 7.96
C TYR A 374 -25.54 11.62 6.74
N GLU A 375 -25.83 12.90 6.91
CA GLU A 375 -25.77 13.83 5.78
C GLU A 375 -24.53 14.71 5.77
N ALA A 376 -23.38 14.12 6.08
CA ALA A 376 -22.12 14.86 6.11
C ALA A 376 -21.13 14.34 5.07
N PRO A 377 -20.37 15.25 4.46
CA PRO A 377 -19.33 14.86 3.49
C PRO A 377 -18.37 13.84 4.11
N ALA A 378 -17.96 12.85 3.33
CA ALA A 378 -17.04 11.82 3.82
C ALA A 378 -15.65 12.39 4.00
N TYR A 379 -15.37 13.51 3.34
CA TYR A 379 -14.10 14.21 3.53
C TYR A 379 -14.35 15.71 3.73
N ASP A 380 -13.89 16.22 4.87
CA ASP A 380 -14.08 17.63 5.21
C ASP A 380 -13.00 18.50 4.60
N SER A 381 -13.34 19.75 4.29
CA SER A 381 -12.38 20.68 3.74
C SER A 381 -11.30 20.99 4.77
N THR A 382 -11.47 20.43 5.96
CA THR A 382 -10.54 20.68 7.06
C THR A 382 -9.95 19.37 7.60
N GLU A 383 -9.39 18.55 6.71
CA GLU A 383 -8.75 17.30 7.10
C GLU A 383 -7.24 17.37 6.90
N LYS A 384 -6.52 16.46 7.55
CA LYS A 384 -5.06 16.45 7.52
C LYS A 384 -4.50 15.48 6.48
N GLU A 385 -3.39 15.87 5.86
CA GLU A 385 -2.70 15.04 4.88
C GLU A 385 -1.20 15.15 5.06
N GLY A 386 -0.60 14.13 5.68
CA GLY A 386 0.83 14.12 5.90
C GLY A 386 1.23 14.57 7.30
N ALA A 387 0.38 14.27 8.27
CA ALA A 387 0.66 14.59 9.67
C ALA A 387 1.00 13.31 10.43
N GLU A 388 1.96 12.56 9.91
CA GLU A 388 2.32 11.27 10.49
C GLU A 388 3.23 11.39 11.70
N GLN A 389 2.89 10.65 12.75
CA GLN A 389 3.75 10.54 13.93
C GLN A 389 4.62 9.29 13.78
N VAL A 390 5.61 9.14 14.65
CA VAL A 390 6.58 8.05 14.49
C VAL A 390 6.37 6.93 15.53
N ASP A 391 7.05 5.81 15.31
CA ASP A 391 6.94 4.58 16.13
C ASP A 391 6.07 3.53 15.46
N SER B 4 1.52 13.00 -30.43
CA SER B 4 2.62 12.11 -30.11
C SER B 4 2.30 10.68 -30.49
N ARG B 5 1.10 10.46 -31.04
CA ARG B 5 0.63 9.13 -31.37
C ARG B 5 1.60 8.38 -32.29
N ARG B 6 2.20 9.10 -33.24
CA ARG B 6 3.18 8.50 -34.15
C ARG B 6 4.36 7.93 -33.37
N ASP B 7 5.07 8.81 -32.66
CA ASP B 7 6.21 8.41 -31.85
C ASP B 7 5.87 7.21 -30.97
N MSE B 8 4.79 7.34 -30.21
CA MSE B 8 4.32 6.25 -29.36
C MSE B 8 4.22 4.95 -30.14
O MSE B 8 4.77 3.93 -29.74
CB MSE B 8 2.97 6.59 -28.73
CG MSE B 8 2.98 7.84 -27.86
SE MSE B 8 4.29 7.73 -26.42
CE MSE B 8 3.62 6.13 -25.53
N GLU B 9 3.51 5.00 -31.26
CA GLU B 9 3.27 3.81 -32.08
C GLU B 9 4.55 3.15 -32.60
N VAL B 10 5.49 3.96 -33.08
CA VAL B 10 6.75 3.42 -33.60
C VAL B 10 7.61 2.84 -32.48
N ILE B 11 7.66 3.54 -31.35
CA ILE B 11 8.37 3.05 -30.18
C ILE B 11 7.83 1.70 -29.76
N LYS B 12 6.50 1.60 -29.66
CA LYS B 12 5.84 0.40 -29.19
C LYS B 12 5.92 -0.74 -30.19
N LEU B 13 5.99 -0.40 -31.48
CA LEU B 13 6.07 -1.42 -32.52
C LEU B 13 7.48 -2.00 -32.60
N THR B 14 8.47 -1.12 -32.75
CA THR B 14 9.86 -1.53 -32.74
C THR B 14 10.18 -2.21 -31.43
N ALA B 15 9.40 -1.89 -30.40
CA ALA B 15 9.53 -2.54 -29.10
C ALA B 15 8.92 -3.93 -29.13
N ARG B 16 7.81 -4.07 -29.86
CA ARG B 16 7.16 -5.37 -30.02
C ARG B 16 8.08 -6.35 -30.72
N TYR B 17 8.65 -5.91 -31.85
CA TYR B 17 9.57 -6.77 -32.59
C TYR B 17 10.88 -6.97 -31.82
N TYR B 18 11.41 -5.88 -31.28
CA TYR B 18 12.65 -5.92 -30.51
C TYR B 18 12.54 -6.88 -29.32
N ALA B 19 11.31 -7.19 -28.93
CA ALA B 19 11.07 -8.03 -27.76
C ALA B 19 11.22 -9.52 -28.09
N LYS B 20 11.13 -9.86 -29.36
CA LYS B 20 11.17 -11.27 -29.77
C LYS B 20 12.52 -11.69 -30.34
N ASP B 21 13.15 -10.82 -31.13
CA ASP B 21 14.34 -11.19 -31.87
C ASP B 21 15.55 -10.29 -31.58
N LYS B 22 15.32 -8.98 -31.57
CA LYS B 22 16.38 -7.99 -31.40
C LYS B 22 17.28 -7.94 -32.63
N SER B 23 17.00 -8.81 -33.61
CA SER B 23 17.80 -8.87 -34.83
C SER B 23 17.10 -8.16 -35.99
N ILE B 24 15.78 -8.06 -35.92
CA ILE B 24 15.00 -7.44 -36.99
C ILE B 24 15.21 -5.93 -37.02
N VAL B 25 15.38 -5.33 -35.85
CA VAL B 25 15.61 -3.89 -35.75
C VAL B 25 17.04 -3.52 -36.15
N GLU B 26 18.00 -4.35 -35.75
CA GLU B 26 19.40 -4.11 -36.07
C GLU B 26 19.65 -4.26 -37.56
N GLN B 27 18.72 -4.95 -38.23
CA GLN B 27 18.78 -5.10 -39.68
C GLN B 27 18.02 -3.95 -40.34
N MSE B 28 16.90 -3.57 -39.74
CA MSE B 28 16.09 -2.47 -40.26
C MSE B 28 16.90 -1.18 -40.30
O MSE B 28 16.84 -0.44 -41.29
CB MSE B 28 14.83 -2.28 -39.41
CG MSE B 28 13.57 -2.13 -40.24
SE MSE B 28 13.75 -0.70 -41.56
CE MSE B 28 12.44 -1.31 -42.86
N ILE B 29 17.64 -0.91 -39.22
CA ILE B 29 18.45 0.30 -39.14
C ILE B 29 19.43 0.42 -40.29
N SER B 30 20.02 -0.70 -40.70
CA SER B 30 21.01 -0.70 -41.77
C SER B 30 20.34 -0.74 -43.16
N LYS B 31 19.13 -1.27 -43.22
CA LYS B 31 18.41 -1.38 -44.49
C LYS B 31 17.77 -0.06 -44.94
N ASP B 32 17.06 0.60 -44.04
CA ASP B 32 16.28 1.79 -44.40
C ASP B 32 17.13 3.06 -44.38
N GLY B 33 17.67 3.38 -43.21
CA GLY B 33 18.42 4.61 -43.03
C GLY B 33 17.49 5.79 -42.88
N GLU B 34 16.67 5.77 -41.84
CA GLU B 34 15.70 6.83 -41.60
C GLU B 34 15.89 7.42 -40.21
N ALA B 35 15.79 8.75 -40.11
CA ALA B 35 15.92 9.43 -38.83
C ALA B 35 14.67 9.21 -37.98
N ARG B 36 13.88 8.21 -38.35
CA ARG B 36 12.64 7.89 -37.63
C ARG B 36 12.91 7.10 -36.35
N LEU B 37 13.84 6.16 -36.44
CA LEU B 37 14.15 5.28 -35.31
C LEU B 37 15.32 5.80 -34.48
N ASN B 38 15.52 7.11 -34.48
CA ASN B 38 16.62 7.73 -33.76
C ASN B 38 16.59 7.48 -32.25
N PHE B 39 15.52 6.85 -31.77
CA PHE B 39 15.38 6.56 -30.35
C PHE B 39 16.08 5.26 -29.97
N MSE B 40 16.64 4.57 -30.96
CA MSE B 40 17.33 3.32 -30.72
C MSE B 40 18.62 3.52 -29.93
O MSE B 40 19.03 2.65 -29.17
CB MSE B 40 17.62 2.60 -32.05
CG MSE B 40 16.39 1.99 -32.68
SE MSE B 40 15.53 0.70 -31.48
CE MSE B 40 17.00 -0.57 -31.31
N ASN B 41 19.25 4.68 -30.12
CA ASN B 41 20.46 5.02 -29.39
C ASN B 41 20.10 5.55 -28.00
N SER B 42 20.84 5.14 -26.98
CA SER B 42 20.57 5.56 -25.62
C SER B 42 20.72 7.08 -25.45
N SER B 43 21.20 7.74 -26.50
CA SER B 43 21.33 9.19 -26.50
C SER B 43 19.96 9.85 -26.49
N HIS B 44 19.11 9.45 -27.42
CA HIS B 44 17.75 9.97 -27.50
C HIS B 44 17.00 9.62 -26.21
N PRO B 45 16.52 10.66 -25.49
CA PRO B 45 15.80 10.49 -24.23
C PRO B 45 14.77 9.37 -24.26
N LEU B 46 13.83 9.45 -25.20
CA LEU B 46 12.75 8.46 -25.32
C LEU B 46 13.27 7.02 -25.22
N HIS B 47 14.51 6.80 -25.65
CA HIS B 47 15.13 5.48 -25.57
C HIS B 47 14.81 4.79 -24.24
N LYS B 48 14.95 5.53 -23.15
CA LYS B 48 14.70 4.98 -21.82
C LYS B 48 13.32 4.34 -21.72
N THR B 49 12.29 5.11 -22.06
CA THR B 49 10.92 4.60 -22.03
C THR B 49 10.82 3.36 -22.90
N PHE B 50 11.54 3.36 -24.00
CA PHE B 50 11.63 2.21 -24.88
C PHE B 50 12.05 0.99 -24.07
N THR B 51 13.20 1.10 -23.39
CA THR B 51 13.71 0.03 -22.56
C THR B 51 12.63 -0.48 -21.62
N ASP B 52 11.71 0.39 -21.25
CA ASP B 52 10.56 0.00 -20.44
C ASP B 52 9.63 -0.90 -21.23
N PHE B 53 9.03 -0.36 -22.28
CA PHE B 53 8.06 -1.09 -23.09
C PHE B 53 8.54 -2.49 -23.41
N VAL B 54 9.71 -2.58 -24.03
CA VAL B 54 10.28 -3.88 -24.37
C VAL B 54 10.25 -4.81 -23.16
N ALA B 55 10.84 -4.37 -22.05
CA ALA B 55 10.83 -5.15 -20.83
C ALA B 55 9.42 -5.68 -20.57
N GLN B 56 8.45 -4.76 -20.57
CA GLN B 56 7.06 -5.11 -20.35
C GLN B 56 6.60 -6.24 -21.27
N TYR B 57 6.83 -6.07 -22.58
CA TYR B 57 6.50 -7.10 -23.55
C TYR B 57 7.26 -8.39 -23.24
N LYS B 58 8.54 -8.24 -22.90
CA LYS B 58 9.36 -9.38 -22.51
C LYS B 58 8.68 -10.12 -21.37
N ARG B 59 8.01 -9.36 -20.51
CA ARG B 59 7.30 -9.91 -19.37
C ARG B 59 6.07 -10.70 -19.81
N VAL B 60 5.35 -10.17 -20.80
CA VAL B 60 4.16 -10.86 -21.29
C VAL B 60 4.53 -12.23 -21.83
N TYR B 61 5.75 -12.33 -22.36
CA TYR B 61 6.28 -13.59 -22.87
C TYR B 61 6.60 -14.56 -21.73
N SER B 62 6.64 -14.05 -20.51
CA SER B 62 7.02 -14.85 -19.35
C SER B 62 6.01 -15.95 -19.06
N PHE B 63 4.77 -15.56 -18.78
CA PHE B 63 3.75 -16.52 -18.38
C PHE B 63 2.73 -16.83 -19.48
N THR B 64 3.17 -16.76 -20.73
CA THR B 64 2.31 -17.16 -21.84
C THR B 64 2.05 -18.66 -21.77
N GLY B 65 0.79 -19.03 -21.58
CA GLY B 65 0.43 -20.42 -21.38
C GLY B 65 0.12 -20.68 -19.92
N GLN B 66 0.25 -19.63 -19.10
CA GLN B 66 -0.06 -19.70 -17.69
C GLN B 66 -1.10 -18.66 -17.32
N GLU B 67 -2.11 -19.06 -16.56
CA GLU B 67 -3.16 -18.15 -16.13
C GLU B 67 -2.88 -17.62 -14.74
N ILE B 68 -3.39 -16.42 -14.45
CA ILE B 68 -3.29 -15.85 -13.11
C ILE B 68 -4.57 -16.11 -12.35
N LYS B 69 -4.46 -16.80 -11.22
CA LYS B 69 -5.62 -17.23 -10.45
C LYS B 69 -5.67 -16.58 -9.06
N LYS B 70 -5.19 -15.35 -8.96
CA LYS B 70 -5.21 -14.61 -7.71
C LYS B 70 -6.64 -14.36 -7.22
N SER B 71 -6.86 -14.59 -5.93
CA SER B 71 -8.18 -14.37 -5.34
C SER B 71 -8.25 -13.01 -4.64
N LYS B 72 -9.45 -12.64 -4.20
CA LYS B 72 -9.68 -11.35 -3.54
C LYS B 72 -8.79 -11.21 -2.32
N ARG B 73 -8.93 -12.14 -1.38
CA ARG B 73 -8.07 -12.19 -0.20
C ARG B 73 -6.63 -11.86 -0.60
N THR B 74 -6.07 -12.67 -1.49
CA THR B 74 -4.68 -12.53 -1.89
C THR B 74 -4.37 -11.14 -2.41
N ILE B 75 -5.16 -10.65 -3.36
CA ILE B 75 -4.95 -9.32 -3.91
C ILE B 75 -4.86 -8.28 -2.79
N LEU B 76 -5.78 -8.36 -1.84
CA LEU B 76 -5.75 -7.47 -0.69
C LEU B 76 -4.43 -7.59 0.08
N ASP B 77 -4.09 -8.81 0.48
CA ASP B 77 -2.84 -9.05 1.22
C ASP B 77 -1.67 -8.40 0.49
N ASN B 78 -1.62 -8.60 -0.81
CA ASN B 78 -0.56 -8.07 -1.65
C ASN B 78 -0.52 -6.55 -1.57
N CYS B 79 -1.66 -5.89 -1.77
CA CYS B 79 -1.68 -4.44 -1.73
C CYS B 79 -1.25 -3.89 -0.37
N PHE B 80 -1.60 -4.62 0.69
CA PHE B 80 -1.12 -4.28 2.03
C PHE B 80 0.41 -4.36 2.09
N GLU B 81 0.96 -5.48 1.63
CA GLU B 81 2.42 -5.65 1.64
C GLU B 81 3.13 -4.57 0.83
N ARG B 82 2.53 -4.17 -0.29
CA ARG B 82 3.09 -3.09 -1.10
C ARG B 82 3.10 -1.80 -0.30
N THR B 83 1.98 -1.50 0.34
CA THR B 83 1.90 -0.36 1.22
C THR B 83 3.05 -0.39 2.22
N GLN B 84 3.19 -1.52 2.91
CA GLN B 84 4.23 -1.72 3.90
C GLN B 84 5.58 -1.34 3.30
N TYR B 85 5.88 -1.91 2.13
CA TYR B 85 7.12 -1.59 1.44
C TYR B 85 7.29 -0.09 1.31
N TRP B 86 6.32 0.58 0.69
CA TRP B 86 6.38 2.03 0.53
C TRP B 86 6.73 2.73 1.84
N GLU B 87 6.11 2.29 2.92
CA GLU B 87 6.39 2.88 4.23
C GLU B 87 7.86 2.70 4.59
N PHE B 88 8.35 1.48 4.42
CA PHE B 88 9.75 1.16 4.66
C PHE B 88 10.70 2.09 3.89
N GLU B 89 10.52 2.13 2.57
CA GLU B 89 11.30 3.01 1.70
C GLU B 89 11.28 4.45 2.21
N LYS B 90 10.08 4.93 2.55
CA LYS B 90 9.91 6.26 3.11
C LYS B 90 10.82 6.45 4.32
N ASP B 91 10.86 5.44 5.19
CA ASP B 91 11.70 5.47 6.38
C ASP B 91 13.20 5.56 6.03
N LYS B 92 13.62 4.76 5.05
CA LYS B 92 15.01 4.85 4.58
C LYS B 92 15.34 6.26 4.12
N ASP B 93 14.46 6.84 3.30
CA ASP B 93 14.63 8.21 2.84
C ASP B 93 14.81 9.16 4.03
N ARG B 94 13.92 9.04 5.01
CA ARG B 94 14.01 9.86 6.21
C ARG B 94 15.39 9.74 6.87
N GLU B 95 15.77 8.51 7.20
CA GLU B 95 17.07 8.27 7.83
C GLU B 95 18.19 8.94 7.05
N HIS B 96 18.21 8.71 5.75
CA HIS B 96 19.22 9.33 4.90
C HIS B 96 19.26 10.84 5.12
N ASP B 97 18.10 11.48 4.97
CA ASP B 97 18.02 12.92 5.20
C ASP B 97 18.68 13.30 6.53
N LYS B 98 18.39 12.51 7.57
CA LYS B 98 18.97 12.77 8.89
C LYS B 98 20.50 12.73 8.86
N LEU B 99 21.06 11.63 8.38
CA LEU B 99 22.51 11.48 8.31
C LEU B 99 23.12 12.68 7.58
N VAL B 100 22.58 12.98 6.41
CA VAL B 100 23.01 14.14 5.64
C VAL B 100 23.05 15.37 6.53
N GLU B 101 21.96 15.61 7.26
CA GLU B 101 21.91 16.74 8.19
C GLU B 101 23.10 16.76 9.14
N LEU B 102 23.34 15.63 9.79
CA LEU B 102 24.51 15.52 10.66
C LEU B 102 25.78 15.97 9.95
N CYS B 103 26.02 15.38 8.77
CA CYS B 103 27.19 15.73 7.98
C CYS B 103 27.31 17.23 7.77
N LYS B 104 26.22 17.86 7.32
CA LYS B 104 26.23 19.31 7.13
C LYS B 104 26.65 20.03 8.40
N ILE B 105 26.07 19.63 9.52
CA ILE B 105 26.44 20.24 10.80
C ILE B 105 27.94 20.15 11.07
N GLN B 106 28.49 18.94 11.01
CA GLN B 106 29.91 18.75 11.33
C GLN B 106 30.84 19.47 10.36
N PHE B 107 30.56 19.32 9.07
CA PHE B 107 31.32 20.02 8.05
C PHE B 107 31.33 21.52 8.33
N ALA B 108 30.17 22.06 8.68
CA ALA B 108 30.07 23.47 8.99
C ALA B 108 30.79 23.80 10.30
N ALA B 109 31.06 22.78 11.11
CA ALA B 109 31.57 23.02 12.46
C ALA B 109 33.00 22.57 12.75
N ILE B 110 33.81 22.35 11.72
CA ILE B 110 35.21 21.98 11.93
C ILE B 110 36.18 23.04 11.45
N PRO B 111 37.35 23.13 12.08
CA PRO B 111 38.39 24.11 11.74
C PRO B 111 39.06 23.81 10.41
N TRP B 112 38.71 24.54 9.36
CA TRP B 112 39.35 24.37 8.07
C TRP B 112 40.65 25.16 8.01
N ASP B 113 41.14 25.57 9.18
CA ASP B 113 42.39 26.33 9.28
C ASP B 113 43.44 25.54 10.07
N LYS B 114 43.10 24.32 10.46
CA LYS B 114 44.07 23.44 11.11
C LYS B 114 44.81 22.61 10.07
N PHE B 115 45.60 23.29 9.27
CA PHE B 115 46.30 22.69 8.14
C PHE B 115 47.58 21.96 8.58
N THR B 116 47.88 20.87 7.88
CA THR B 116 49.12 20.13 8.07
C THR B 116 49.38 19.30 6.82
N GLN B 117 49.80 19.96 5.75
CA GLN B 117 49.96 19.32 4.45
C GLN B 117 51.23 18.49 4.32
N VAL B 118 51.28 17.65 3.29
CA VAL B 118 52.44 16.81 3.04
C VAL B 118 53.05 17.09 1.67
N ALA B 119 52.28 16.91 0.61
CA ALA B 119 52.77 17.09 -0.75
C ALA B 119 51.85 17.97 -1.60
N LYS B 120 52.01 17.86 -2.91
CA LYS B 120 51.23 18.66 -3.85
C LYS B 120 51.22 18.01 -5.23
N PHE B 121 50.19 18.29 -6.02
CA PHE B 121 50.06 17.70 -7.34
C PHE B 121 49.87 18.78 -8.40
N ASP B 135 34.39 6.71 -12.83
CA ASP B 135 34.87 5.35 -12.59
C ASP B 135 34.51 4.90 -11.19
N LEU B 136 34.34 5.85 -10.29
CA LEU B 136 34.06 5.55 -8.89
C LEU B 136 32.66 4.99 -8.68
N GLU B 137 31.76 5.24 -9.62
CA GLU B 137 30.38 4.77 -9.50
C GLU B 137 30.30 3.25 -9.52
N GLN B 138 31.01 2.64 -10.45
CA GLN B 138 31.10 1.17 -10.51
C GLN B 138 31.97 0.67 -9.35
N MSE B 139 32.60 1.61 -8.66
CA MSE B 139 33.50 1.31 -7.56
C MSE B 139 32.78 1.41 -6.22
O MSE B 139 33.14 0.76 -5.25
CB MSE B 139 34.70 2.25 -7.59
CG MSE B 139 35.70 2.05 -6.45
SE MSE B 139 37.09 3.42 -6.51
CE MSE B 139 38.14 2.85 -4.96
N ARG B 140 31.74 2.24 -6.18
CA ARG B 140 30.97 2.46 -4.97
C ARG B 140 29.96 1.34 -4.74
N LEU B 141 30.20 0.19 -5.39
CA LEU B 141 29.37 -0.98 -5.20
C LEU B 141 30.16 -2.08 -4.51
N ARG B 142 29.75 -3.33 -4.71
CA ARG B 142 30.41 -4.46 -4.06
C ARG B 142 30.48 -5.68 -4.98
N ARG B 143 31.68 -6.22 -5.14
CA ARG B 143 31.88 -7.48 -5.86
C ARG B 143 33.33 -7.94 -5.74
N UNK C 66 12.16 30.43 9.67
CA UNK C 66 13.59 30.17 9.52
C UNK C 66 14.38 30.70 10.71
N UNK C 67 13.69 31.41 11.59
CA UNK C 67 14.32 31.96 12.78
C UNK C 67 14.63 30.86 13.79
N UNK C 68 13.59 30.15 14.21
CA UNK C 68 13.75 29.03 15.13
C UNK C 68 14.78 28.04 14.61
N UNK C 69 14.68 27.72 13.32
CA UNK C 69 15.64 26.83 12.67
C UNK C 69 17.03 27.42 12.71
N UNK C 70 17.12 28.75 12.67
CA UNK C 70 18.40 29.44 12.71
C UNK C 70 19.07 29.30 14.06
N UNK C 71 18.35 29.64 15.12
CA UNK C 71 18.87 29.51 16.47
C UNK C 71 19.25 28.05 16.76
N UNK C 72 18.34 27.14 16.43
CA UNK C 72 18.56 25.72 16.64
C UNK C 72 19.84 25.25 15.93
N UNK C 73 19.91 25.53 14.64
CA UNK C 73 21.08 25.12 13.84
C UNK C 73 22.36 25.69 14.41
N UNK C 74 22.39 27.00 14.62
CA UNK C 74 23.56 27.65 15.22
C UNK C 74 23.97 26.92 16.49
N UNK C 75 22.97 26.57 17.29
CA UNK C 75 23.20 25.84 18.54
C UNK C 75 23.91 24.52 18.28
N UNK C 76 23.22 23.61 17.58
CA UNK C 76 23.78 22.30 17.28
C UNK C 76 25.19 22.39 16.71
N UNK C 77 25.43 23.39 15.86
CA UNK C 77 26.74 23.57 15.24
C UNK C 77 27.78 24.03 16.27
N UNK C 78 27.34 24.84 17.24
CA UNK C 78 28.23 25.31 18.29
C UNK C 78 28.60 24.17 19.24
N UNK C 79 27.59 23.49 19.76
CA UNK C 79 27.79 22.33 20.62
C UNK C 79 28.70 21.32 19.93
N UNK C 80 28.30 20.89 18.74
CA UNK C 80 29.08 19.93 17.98
C UNK C 80 30.49 20.44 17.72
N UNK C 81 30.64 21.75 17.57
CA UNK C 81 31.95 22.35 17.34
C UNK C 81 32.81 22.28 18.59
N UNK C 82 32.15 22.24 19.74
CA UNK C 82 32.85 22.23 21.02
C UNK C 82 33.38 20.84 21.38
N UNK C 83 32.51 19.84 21.35
CA UNK C 83 32.85 18.49 21.77
C UNK C 83 33.75 17.74 20.79
N UNK C 84 34.25 18.44 19.76
CA UNK C 84 35.02 17.79 18.71
C UNK C 84 36.33 17.22 19.23
N UNK C 85 36.40 15.89 19.31
CA UNK C 85 37.61 15.22 19.76
C UNK C 85 38.76 15.57 18.82
N UNK C 86 39.97 15.69 19.37
CA UNK C 86 41.12 16.06 18.57
C UNK C 86 42.42 15.49 19.12
N UNK C 87 42.90 14.42 18.50
CA UNK C 87 44.16 13.80 18.89
C UNK C 87 45.28 14.34 18.00
N UNK C 88 44.89 15.05 16.96
CA UNK C 88 45.83 15.64 16.01
C UNK C 88 46.89 14.65 15.52
N UNK C 89 46.42 13.51 15.00
CA UNK C 89 47.30 12.46 14.48
C UNK C 89 47.31 12.46 12.96
N UNK C 90 48.47 12.69 12.36
CA UNK C 90 48.60 12.72 10.91
C UNK C 90 48.42 11.33 10.29
N UNK C 91 47.35 11.15 9.53
CA UNK C 91 47.11 9.90 8.83
C UNK C 91 48.07 9.75 7.65
N UNK C 92 47.93 8.66 6.90
CA UNK C 92 48.82 8.39 5.77
C UNK C 92 48.10 8.52 4.44
N UNK C 93 48.52 9.51 3.63
CA UNK C 93 47.94 9.72 2.32
C UNK C 93 48.76 9.05 1.22
N UNK C 94 48.11 8.70 0.12
CA UNK C 94 48.78 8.06 -1.00
C UNK C 94 48.39 8.71 -2.32
N UNK C 95 48.96 9.88 -2.59
CA UNK C 95 48.69 10.61 -3.83
C UNK C 95 49.19 9.82 -5.04
N UNK C 96 48.52 9.97 -6.17
CA UNK C 96 48.88 9.27 -7.39
C UNK C 96 48.28 9.93 -8.63
N UNK C 97 49.14 10.26 -9.60
CA UNK C 97 48.71 10.89 -10.84
C UNK C 97 47.82 9.96 -11.66
N UNK C 98 46.55 10.34 -11.81
CA UNK C 98 45.59 9.55 -12.57
C UNK C 98 45.35 10.14 -13.96
N UNK C 99 44.56 9.44 -14.77
CA UNK C 99 44.23 9.90 -16.12
C UNK C 99 43.09 9.09 -16.72
N UNK C 100 42.10 9.79 -17.28
CA UNK C 100 40.95 9.14 -17.91
C UNK C 100 40.45 9.92 -19.12
N UNK C 101 39.32 9.49 -19.67
CA UNK C 101 38.75 10.14 -20.84
C UNK C 101 37.27 9.80 -21.01
N GLY C 114 38.06 13.85 -21.30
CA GLY C 114 39.40 13.44 -21.70
C GLY C 114 40.48 14.38 -21.19
N SER C 115 40.95 14.14 -19.96
CA SER C 115 41.98 14.96 -19.36
C SER C 115 42.71 14.22 -18.25
N VAL C 116 43.28 14.97 -17.31
CA VAL C 116 44.04 14.39 -16.21
C VAL C 116 43.46 14.82 -14.86
N GLY C 117 43.31 13.86 -13.94
CA GLY C 117 42.78 14.15 -12.62
C GLY C 117 43.62 13.53 -11.52
N MSE C 118 43.44 14.02 -10.30
CA MSE C 118 44.19 13.51 -9.15
C MSE C 118 43.34 12.58 -8.29
O MSE C 118 42.13 12.76 -8.18
CB MSE C 118 44.71 14.66 -8.30
CG MSE C 118 45.56 14.20 -7.11
SE MSE C 118 45.96 15.65 -5.87
CE MSE C 118 47.17 14.69 -4.68
N ALA C 119 43.99 11.59 -7.69
CA ALA C 119 43.30 10.64 -6.82
C ALA C 119 44.10 10.40 -5.54
N ILE C 120 43.45 10.53 -4.39
CA ILE C 120 44.11 10.33 -3.11
C ILE C 120 43.50 9.16 -2.34
N GLN C 121 44.37 8.39 -1.69
CA GLN C 121 43.98 7.21 -0.93
C GLN C 121 44.38 7.36 0.53
N VAL C 122 43.44 7.80 1.37
CA VAL C 122 43.74 8.01 2.79
C VAL C 122 43.31 6.82 3.66
N ASN C 123 44.27 6.27 4.40
CA ASN C 123 44.01 5.12 5.26
C ASN C 123 43.84 5.55 6.72
N TYR C 124 43.02 4.80 7.46
CA TYR C 124 42.75 5.11 8.86
C TYR C 124 43.00 3.94 9.80
N SER C 125 42.92 4.21 11.10
CA SER C 125 43.29 3.26 12.14
C SER C 125 42.73 1.85 11.91
N SER C 126 43.45 0.86 12.42
CA SER C 126 43.02 -0.53 12.33
C SER C 126 42.46 -1.00 13.67
N GLU C 127 41.26 -0.53 14.01
CA GLU C 127 40.63 -0.82 15.30
C GLU C 127 41.62 -0.82 16.47
N VAL C 128 42.48 0.18 16.50
CA VAL C 128 43.52 0.30 17.52
C VAL C 128 43.08 1.18 18.69
N LYS C 129 42.49 2.33 18.37
CA LYS C 129 42.06 3.28 19.40
C LYS C 129 40.57 3.58 19.33
N GLU C 130 39.93 3.21 18.23
CA GLU C 130 38.50 3.48 18.06
C GLU C 130 37.66 2.45 18.81
N ASN C 131 38.30 1.70 19.70
CA ASN C 131 37.60 0.68 20.48
C ASN C 131 37.01 1.23 21.77
N SER C 132 37.36 2.48 22.09
CA SER C 132 36.90 3.10 23.32
C SER C 132 35.77 4.10 23.07
N VAL C 133 35.53 4.44 21.81
CA VAL C 133 34.49 5.40 21.45
C VAL C 133 33.55 4.84 20.39
N ASP C 134 32.37 4.39 20.82
CA ASP C 134 31.35 3.89 19.92
C ASP C 134 29.95 4.20 20.46
N SER C 135 29.62 5.49 20.53
CA SER C 135 28.34 5.92 21.06
C SER C 135 27.53 6.66 20.01
N ASP C 136 27.53 6.13 18.79
CA ASP C 136 26.81 6.73 17.65
C ASP C 136 26.81 8.26 17.66
N ASP C 137 27.95 8.85 18.01
CA ASP C 137 28.11 10.30 17.96
C ASP C 137 28.81 10.70 16.67
N LYS C 138 28.03 10.89 15.61
CA LYS C 138 28.57 11.22 14.31
C LYS C 138 29.49 10.11 13.79
N ALA C 139 29.46 8.97 14.46
CA ALA C 139 30.25 7.82 14.04
C ALA C 139 29.86 7.41 12.62
N LYS C 140 28.62 7.71 12.26
CA LYS C 140 28.11 7.40 10.92
C LYS C 140 28.57 8.42 9.89
N VAL C 141 29.08 9.55 10.37
CA VAL C 141 29.57 10.60 9.48
C VAL C 141 30.93 10.24 8.89
N PRO C 142 31.01 10.21 7.55
CA PRO C 142 32.25 9.91 6.84
C PRO C 142 33.17 11.13 6.78
N PRO C 143 34.45 10.93 6.41
CA PRO C 143 35.38 12.06 6.30
C PRO C 143 34.86 13.10 5.32
N LEU C 144 35.29 14.35 5.51
CA LEU C 144 34.80 15.44 4.66
C LEU C 144 35.94 16.25 4.03
N ILE C 145 35.77 16.65 2.78
CA ILE C 145 36.78 17.42 2.07
C ILE C 145 36.30 18.82 1.72
N ARG C 146 37.20 19.79 1.74
CA ARG C 146 36.88 21.16 1.33
C ARG C 146 38.09 21.85 0.71
N ILE C 147 37.83 22.72 -0.27
CA ILE C 147 38.90 23.47 -0.92
C ILE C 147 39.11 24.82 -0.24
N VAL C 148 40.27 25.00 0.37
CA VAL C 148 40.55 26.20 1.15
C VAL C 148 41.62 27.07 0.48
N SER C 149 41.40 28.39 0.49
CA SER C 149 42.38 29.33 -0.03
C SER C 149 43.40 29.67 1.04
N GLY C 150 44.68 29.68 0.67
CA GLY C 150 45.75 29.93 1.62
C GLY C 150 45.79 31.37 2.12
N LEU C 151 44.82 32.17 1.69
CA LEU C 151 44.76 33.57 2.09
C LEU C 151 44.63 33.72 3.60
N GLU C 152 44.25 32.63 4.27
CA GLU C 152 44.09 32.66 5.72
C GLU C 152 44.85 31.50 6.38
N LEU C 153 45.85 31.84 7.18
CA LEU C 153 46.65 30.86 7.88
C LEU C 153 46.99 31.35 9.29
N SER C 154 47.33 30.42 10.17
CA SER C 154 47.67 30.77 11.55
C SER C 154 48.88 31.70 11.62
N ASP C 155 49.72 31.65 10.59
CA ASP C 155 50.93 32.46 10.55
C ASP C 155 50.80 33.66 9.60
N THR C 156 50.02 33.48 8.53
CA THR C 156 49.81 34.53 7.54
C THR C 156 51.13 35.11 7.05
N LYS C 157 51.89 34.31 6.31
CA LYS C 157 53.17 34.75 5.75
C LYS C 157 53.07 34.79 4.23
N GLN C 158 53.07 33.60 3.62
CA GLN C 158 52.90 33.48 2.18
C GLN C 158 51.58 32.80 1.86
N LYS C 159 51.12 32.96 0.62
CA LYS C 159 49.82 32.44 0.21
C LYS C 159 49.65 32.60 -1.29
N GLY C 160 48.54 32.09 -1.83
CA GLY C 160 48.24 32.25 -3.24
C GLY C 160 47.88 30.95 -3.94
N LYS C 161 47.67 29.89 -3.17
CA LYS C 161 47.27 28.61 -3.74
C LYS C 161 46.23 27.91 -2.88
N LYS C 162 45.56 26.92 -3.47
CA LYS C 162 44.46 26.22 -2.81
C LYS C 162 44.92 24.91 -2.16
N PHE C 163 44.11 24.40 -1.24
CA PHE C 163 44.38 23.14 -0.56
C PHE C 163 43.13 22.27 -0.48
N LEU C 164 43.29 20.98 -0.77
CA LEU C 164 42.17 20.04 -0.73
C LEU C 164 42.11 19.36 0.63
N VAL C 165 41.66 20.12 1.64
CA VAL C 165 41.66 19.64 3.02
C VAL C 165 40.70 18.46 3.24
N ILE C 166 41.17 17.49 4.02
CA ILE C 166 40.38 16.31 4.37
C ILE C 166 40.36 16.11 5.88
N ALA C 167 39.16 15.97 6.44
CA ALA C 167 39.00 15.95 7.89
C ALA C 167 38.12 14.80 8.41
N TYR C 168 38.51 14.28 9.57
CA TYR C 168 37.78 13.23 10.27
C TYR C 168 37.84 13.57 11.76
N GLU C 169 36.81 13.24 12.51
CA GLU C 169 36.68 13.72 13.89
C GLU C 169 37.96 13.57 14.72
N PRO C 170 38.40 12.33 14.98
CA PRO C 170 39.55 12.16 15.85
C PRO C 170 40.87 12.57 15.19
N PHE C 171 41.17 12.01 14.03
CA PHE C 171 42.43 12.26 13.33
C PHE C 171 42.62 13.74 12.98
N GLU C 172 43.86 14.09 12.64
CA GLU C 172 44.20 15.48 12.32
C GLU C 172 43.97 15.81 10.85
N ASN C 173 43.62 17.06 10.57
CA ASN C 173 43.37 17.50 9.21
C ASN C 173 44.57 17.30 8.29
N ILE C 174 44.29 17.28 6.99
CA ILE C 174 45.33 17.03 5.99
C ILE C 174 45.06 17.91 4.76
N ALA C 175 46.13 18.41 4.14
CA ALA C 175 45.99 19.31 3.00
C ALA C 175 46.86 18.89 1.81
N ILE C 176 46.42 19.27 0.61
CA ILE C 176 47.15 18.98 -0.61
C ILE C 176 47.11 20.17 -1.56
N GLU C 177 48.28 20.74 -1.85
CA GLU C 177 48.38 21.95 -2.65
C GLU C 177 47.96 21.73 -4.10
N LEU C 178 47.16 22.66 -4.64
CA LEU C 178 46.68 22.57 -6.01
C LEU C 178 47.06 23.81 -6.82
N PRO C 179 48.31 23.88 -7.28
CA PRO C 179 48.74 24.95 -8.17
C PRO C 179 47.87 25.09 -9.42
N PRO C 180 47.53 23.97 -10.08
CA PRO C 180 46.74 24.08 -11.31
C PRO C 180 45.38 24.70 -11.02
N ASN C 181 45.05 25.76 -11.75
CA ASN C 181 43.78 26.45 -11.56
C ASN C 181 42.59 25.50 -11.57
N GLU C 182 42.63 24.53 -12.47
CA GLU C 182 41.55 23.55 -12.59
C GLU C 182 42.01 22.21 -13.15
N ILE C 183 41.72 21.13 -12.43
CA ILE C 183 41.94 19.78 -12.92
C ILE C 183 40.78 18.87 -12.50
N LEU C 184 40.36 18.00 -13.40
CA LEU C 184 39.25 17.07 -13.18
C LEU C 184 37.91 17.74 -12.81
N PHE C 185 37.87 19.07 -12.88
CA PHE C 185 36.62 19.79 -12.64
C PHE C 185 35.61 19.48 -13.75
N SER C 186 34.86 18.40 -13.57
CA SER C 186 34.02 17.84 -14.62
C SER C 186 32.78 18.67 -14.95
N GLU C 187 31.97 18.15 -15.87
CA GLU C 187 30.75 18.80 -16.31
C GLU C 187 29.58 17.82 -16.29
N ASN C 188 28.67 17.99 -15.34
CA ASN C 188 27.53 17.09 -15.18
C ASN C 188 27.90 15.62 -15.38
N ASN C 189 28.65 15.08 -14.42
CA ASN C 189 29.08 13.69 -14.49
C ASN C 189 27.88 12.74 -14.39
N ASP C 190 27.13 12.83 -13.29
CA ASP C 190 25.92 12.05 -13.12
C ASP C 190 24.72 12.81 -13.68
N MSE C 191 23.53 12.21 -13.57
CA MSE C 191 22.33 12.81 -14.13
C MSE C 191 21.53 13.61 -13.09
O MSE C 191 20.39 13.28 -12.79
CB MSE C 191 21.45 11.73 -14.77
CG MSE C 191 20.64 12.20 -15.98
SE MSE C 191 19.44 13.70 -15.57
CE MSE C 191 18.60 13.87 -17.33
N ASP C 192 22.15 14.64 -12.57
CA ASP C 192 21.47 15.59 -11.67
C ASP C 192 20.51 14.94 -10.67
N ASN C 193 21.08 14.24 -9.68
CA ASN C 193 20.31 13.72 -8.55
C ASN C 193 20.65 14.51 -7.28
N ASN C 194 19.63 14.92 -6.54
CA ASN C 194 19.85 15.92 -5.49
C ASN C 194 19.81 15.42 -4.04
N ASN C 195 20.92 14.82 -3.61
CA ASN C 195 21.20 14.61 -2.20
C ASN C 195 22.50 15.34 -1.89
N ASP C 196 22.38 16.60 -1.51
CA ASP C 196 23.53 17.50 -1.43
C ASP C 196 24.62 16.99 -0.49
N GLY C 197 24.25 16.08 0.41
CA GLY C 197 25.18 15.62 1.42
C GLY C 197 25.79 16.81 2.12
N VAL C 198 27.01 17.17 1.72
CA VAL C 198 27.62 18.40 2.19
C VAL C 198 27.70 19.41 1.05
N ASP C 199 28.19 18.95 -0.10
CA ASP C 199 28.30 19.80 -1.28
C ASP C 199 28.46 18.97 -2.55
N GLU C 200 28.39 19.62 -3.70
CA GLU C 200 28.55 18.93 -4.98
C GLU C 200 29.88 18.18 -5.06
N LEU C 201 30.91 18.76 -4.45
CA LEU C 201 32.25 18.16 -4.47
C LEU C 201 32.27 16.78 -3.82
N ASN C 202 31.72 16.68 -2.61
CA ASN C 202 31.76 15.43 -1.87
C ASN C 202 30.99 14.28 -2.51
N LYS C 203 29.74 14.51 -2.88
CA LYS C 203 28.94 13.47 -3.51
C LYS C 203 29.52 13.14 -4.88
N LYS C 204 29.87 14.20 -5.62
CA LYS C 204 30.37 14.06 -6.98
C LYS C 204 31.59 13.15 -7.09
N CYS C 205 32.57 13.34 -6.21
CA CYS C 205 33.84 12.64 -6.36
C CYS C 205 34.52 12.24 -5.06
N THR C 206 33.86 11.41 -4.26
CA THR C 206 34.50 10.83 -3.08
C THR C 206 33.92 9.46 -2.80
N PHE C 207 34.74 8.59 -2.22
CA PHE C 207 34.25 7.30 -1.78
C PHE C 207 34.79 6.95 -0.41
N TRP C 208 33.92 6.44 0.46
CA TRP C 208 34.30 6.11 1.82
C TRP C 208 34.10 4.62 2.12
N ASP C 209 35.16 3.84 1.91
CA ASP C 209 35.14 2.44 2.27
C ASP C 209 35.19 2.36 3.79
N ALA C 210 34.01 2.38 4.42
CA ALA C 210 33.92 2.42 5.87
C ALA C 210 34.24 1.08 6.51
N ILE C 211 34.08 0.00 5.75
CA ILE C 211 34.36 -1.34 6.24
C ILE C 211 35.86 -1.57 6.40
N SER C 212 36.65 -0.92 5.56
CA SER C 212 38.10 -1.05 5.59
C SER C 212 38.76 0.24 6.06
N LYS C 213 37.97 1.30 6.15
CA LYS C 213 38.44 2.60 6.60
C LYS C 213 39.37 3.29 5.60
N LEU C 214 38.99 3.23 4.32
CA LEU C 214 39.78 3.86 3.26
C LEU C 214 38.98 4.92 2.52
N TYR C 215 39.46 6.16 2.58
CA TYR C 215 38.81 7.28 1.92
C TYR C 215 39.50 7.64 0.62
N TYR C 216 38.80 7.45 -0.49
CA TYR C 216 39.33 7.77 -1.81
C TYR C 216 38.74 9.10 -2.29
N VAL C 217 39.56 9.94 -2.90
CA VAL C 217 39.07 11.21 -3.43
C VAL C 217 39.64 11.55 -4.82
N GLN C 218 38.75 11.69 -5.79
CA GLN C 218 39.12 12.06 -7.15
C GLN C 218 37.93 12.61 -7.93
ZN ZN D . -35.78 -35.43 9.52
#